data_5KXB
#
_entry.id   5KXB
#
_cell.length_a   121.191
_cell.length_b   157.269
_cell.length_c   55.730
_cell.angle_alpha   90.000
_cell.angle_beta   90.000
_cell.angle_gamma   90.000
#
_symmetry.space_group_name_H-M   'P 21 21 2'
#
loop_
_entity.id
_entity.type
_entity.pdbx_description
1 polymer 'Wisteria floribunda agglutinin'
2 branched beta-D-xylopyranose-(1-2)-[alpha-D-mannopyranose-(1-3)]beta-D-mannopyranose-(1-4)-2-acetamido-2-deoxy-beta-D-glucopyranose-(1-4)-[alpha-L-fucopyranose-(1-3)]2-acetamido-2-deoxy-beta-D-glucopyranose
3 branched beta-D-mannopyranose-(1-4)-2-acetamido-2-deoxy-beta-D-glucopyranose-(1-4)-[alpha-L-fucopyranose-(1-3)]2-acetamido-2-deoxy-beta-D-glucopyranose
4 non-polymer 2-acetamido-2-deoxy-beta-D-galactopyranose
5 non-polymer 'CALCIUM ION'
6 non-polymer 'MANGANESE (II) ION'
7 water water
#
_entity_poly.entity_id   1
_entity_poly.type   'polypeptide(L)'
_entity_poly.pdbx_seq_one_letter_code
;KETTSFVFTRFSPDPQNLLLQGDTVVTSSGHLQLTQVKDGEPVYSSLGRALYYAPIHIWDSNTDTVANFVTSFSFVIDAP
NKAKAADGLAFFLAPVDTEPQKPGGLLGLFHDDRHNKSNHIVAVEFDTFKNSWDPEGTHIGINVNSIVSRKTISWDLEND
EVANVVISYQASTKTLTASLVYPSSSTSYILNDVVDLKQILPEYVRVGFTAASGLSKDHVETHDVLAWTFDSDLPDPSSD
DCN
;
_entity_poly.pdbx_strand_id   A,B,C,D
#
loop_
_chem_comp.id
_chem_comp.type
_chem_comp.name
_chem_comp.formula
BMA D-saccharide, beta linking beta-D-mannopyranose 'C6 H12 O6'
CA non-polymer 'CALCIUM ION' 'Ca 2'
FUC L-saccharide, alpha linking alpha-L-fucopyranose 'C6 H12 O5'
MAN D-saccharide, alpha linking alpha-D-mannopyranose 'C6 H12 O6'
MN non-polymer 'MANGANESE (II) ION' 'Mn 2'
NAG D-saccharide, beta linking 2-acetamido-2-deoxy-beta-D-glucopyranose 'C8 H15 N O6'
NGA D-saccharide, beta linking 2-acetamido-2-deoxy-beta-D-galactopyranose 'C8 H15 N O6'
XYP D-saccharide, beta linking beta-D-xylopyranose 'C5 H10 O5'
#
# COMPACT_ATOMS: atom_id res chain seq x y z
N LYS A 1 -16.27 -0.13 0.52
CA LYS A 1 -14.99 -0.66 -0.03
C LYS A 1 -14.45 -1.76 0.88
N GLU A 2 -14.02 -2.86 0.26
CA GLU A 2 -13.43 -3.97 0.97
C GLU A 2 -12.17 -4.36 0.24
N THR A 3 -11.06 -4.46 0.96
CA THR A 3 -9.83 -4.96 0.36
C THR A 3 -9.28 -6.08 1.22
N THR A 4 -8.60 -7.02 0.56
CA THR A 4 -7.84 -8.06 1.20
C THR A 4 -6.49 -8.13 0.55
N SER A 5 -5.45 -8.28 1.36
CA SER A 5 -4.17 -8.63 0.78
C SER A 5 -3.27 -9.42 1.69
N PHE A 6 -2.32 -10.11 1.06
CA PHE A 6 -1.32 -10.83 1.80
C PHE A 6 -0.07 -11.03 0.97
N VAL A 7 1.04 -11.21 1.67
CA VAL A 7 2.34 -11.45 1.06
C VAL A 7 3.04 -12.56 1.78
N PHE A 8 3.54 -13.53 1.02
CA PHE A 8 4.49 -14.53 1.53
C PHE A 8 5.70 -14.45 0.63
N THR A 9 6.82 -13.94 1.14
CA THR A 9 8.10 -14.03 0.37
C THR A 9 8.76 -15.39 0.54
N ARG A 10 8.32 -16.14 1.53
CA ARG A 10 8.62 -17.54 1.69
C ARG A 10 7.59 -18.13 2.64
N PHE A 11 7.56 -19.47 2.74
CA PHE A 11 6.56 -20.14 3.57
C PHE A 11 7.17 -20.76 4.81
N SER A 12 6.45 -20.67 5.92
CA SER A 12 6.86 -21.29 7.17
C SER A 12 6.12 -22.62 7.37
N PRO A 13 6.74 -23.57 8.10
CA PRO A 13 6.10 -24.89 8.25
C PRO A 13 4.84 -24.78 9.13
N ASP A 14 3.87 -25.65 8.90
CA ASP A 14 2.54 -25.55 9.54
C ASP A 14 1.91 -24.13 9.42
N PRO A 15 1.63 -23.69 8.18
CA PRO A 15 1.11 -22.34 7.99
C PRO A 15 -0.40 -22.31 8.27
N GLN A 16 -0.77 -21.80 9.43
CA GLN A 16 -2.16 -21.80 9.88
C GLN A 16 -3.12 -20.90 9.12
N ASN A 17 -2.61 -19.92 8.37
CA ASN A 17 -3.42 -19.10 7.47
C ASN A 17 -3.49 -19.65 6.04
N LEU A 18 -2.98 -20.87 5.82
CA LEU A 18 -3.16 -21.57 4.56
C LEU A 18 -3.89 -22.88 4.82
N LEU A 19 -4.80 -23.21 3.89
CA LEU A 19 -5.48 -24.48 3.90
C LEU A 19 -4.67 -25.38 2.97
N LEU A 20 -3.90 -26.30 3.54
CA LEU A 20 -3.17 -27.28 2.71
C LEU A 20 -4.05 -28.51 2.48
N GLN A 21 -4.17 -28.93 1.23
CA GLN A 21 -5.06 -30.02 0.84
C GLN A 21 -4.26 -31.03 0.02
N GLY A 22 -4.61 -32.31 0.13
CA GLY A 22 -3.88 -33.38 -0.56
C GLY A 22 -2.46 -33.51 -0.04
N ASP A 23 -1.50 -33.64 -0.94
CA ASP A 23 -0.12 -33.96 -0.57
C ASP A 23 0.74 -32.76 -0.15
N THR A 24 0.17 -31.55 -0.14
CA THR A 24 0.97 -30.35 0.03
C THR A 24 1.71 -30.32 1.37
N VAL A 25 3.01 -30.01 1.32
CA VAL A 25 3.79 -29.68 2.52
C VAL A 25 4.60 -28.40 2.29
N VAL A 26 5.06 -27.80 3.39
CA VAL A 26 6.05 -26.76 3.35
C VAL A 26 7.41 -27.38 3.68
N THR A 27 8.39 -27.15 2.81
CA THR A 27 9.74 -27.70 3.00
C THR A 27 10.48 -26.85 4.02
N SER A 28 11.62 -27.35 4.46
CA SER A 28 12.49 -26.60 5.37
C SER A 28 13.13 -25.35 4.71
N SER A 29 13.35 -25.42 3.41
CA SER A 29 13.78 -24.25 2.61
C SER A 29 12.66 -23.22 2.35
N GLY A 30 11.45 -23.46 2.86
CA GLY A 30 10.35 -22.50 2.81
C GLY A 30 9.53 -22.48 1.52
N HIS A 31 9.54 -23.58 0.77
CA HIS A 31 8.76 -23.72 -0.46
C HIS A 31 7.46 -24.39 -0.16
N LEU A 32 6.45 -24.06 -0.93
CA LEU A 32 5.18 -24.73 -0.87
C LEU A 32 5.25 -25.88 -1.87
N GLN A 33 5.40 -27.10 -1.37
CA GLN A 33 5.62 -28.27 -2.22
C GLN A 33 4.30 -28.95 -2.47
N LEU A 34 3.74 -28.72 -3.65
CA LEU A 34 2.38 -29.15 -3.92
C LEU A 34 2.28 -30.67 -4.19
N THR A 35 3.19 -31.22 -4.98
CA THR A 35 3.19 -32.65 -5.23
C THR A 35 4.34 -33.31 -4.48
N GLN A 36 4.14 -34.57 -4.09
CA GLN A 36 5.05 -35.29 -3.17
C GLN A 36 6.44 -35.55 -3.78
N VAL A 37 7.46 -35.46 -2.93
CA VAL A 37 8.84 -35.75 -3.28
C VAL A 37 9.41 -36.82 -2.33
N LYS A 38 9.97 -37.87 -2.89
CA LYS A 38 10.44 -39.05 -2.14
C LYS A 38 11.78 -39.45 -2.66
N ASP A 39 12.81 -39.47 -1.80
CA ASP A 39 14.19 -39.83 -2.14
C ASP A 39 14.74 -38.91 -3.23
N GLY A 40 14.47 -37.61 -3.09
CA GLY A 40 14.87 -36.58 -4.04
C GLY A 40 14.14 -36.52 -5.38
N GLU A 41 13.14 -37.36 -5.60
CA GLU A 41 12.46 -37.49 -6.90
C GLU A 41 10.95 -37.26 -6.73
N PRO A 42 10.29 -36.71 -7.77
CA PRO A 42 8.86 -36.59 -7.73
C PRO A 42 8.13 -37.93 -7.80
N VAL A 43 7.06 -38.03 -7.04
CA VAL A 43 6.22 -39.20 -6.97
C VAL A 43 5.01 -39.01 -7.90
N TYR A 44 4.62 -40.09 -8.57
CA TYR A 44 3.52 -40.08 -9.49
C TYR A 44 2.18 -40.12 -8.73
N SER A 45 1.11 -39.83 -9.47
CA SER A 45 -0.24 -39.84 -8.95
C SER A 45 -0.38 -39.01 -7.65
N SER A 46 0.29 -37.87 -7.63
CA SER A 46 0.30 -36.97 -6.48
C SER A 46 -0.54 -35.73 -6.84
N LEU A 47 -1.26 -35.22 -5.85
CA LEU A 47 -2.14 -34.09 -6.01
C LEU A 47 -2.06 -33.26 -4.77
N GLY A 48 -1.75 -31.98 -4.94
CA GLY A 48 -1.73 -31.05 -3.82
C GLY A 48 -2.30 -29.72 -4.18
N ARG A 49 -2.93 -29.08 -3.18
CA ARG A 49 -3.43 -27.73 -3.31
C ARG A 49 -3.13 -26.95 -2.06
N ALA A 50 -3.28 -25.64 -2.17
CA ALA A 50 -3.03 -24.71 -1.07
C ALA A 50 -3.88 -23.46 -1.30
N LEU A 51 -4.64 -23.04 -0.30
CA LEU A 51 -5.55 -21.94 -0.42
C LEU A 51 -5.36 -20.95 0.73
N TYR A 52 -5.53 -19.65 0.49
CA TYR A 52 -5.52 -18.69 1.59
C TYR A 52 -6.76 -18.96 2.44
N TYR A 53 -6.60 -18.91 3.75
CA TYR A 53 -7.65 -19.32 4.69
C TYR A 53 -8.90 -18.43 4.60
N ALA A 54 -8.74 -17.12 4.49
CA ALA A 54 -9.90 -16.24 4.45
C ALA A 54 -10.54 -16.21 3.08
N PRO A 55 -11.87 -16.33 3.03
CA PRO A 55 -12.60 -16.04 1.81
C PRO A 55 -12.32 -14.64 1.30
N ILE A 56 -12.31 -14.50 -0.02
CA ILE A 56 -12.15 -13.22 -0.70
C ILE A 56 -13.53 -12.79 -1.19
N HIS A 57 -13.93 -11.56 -0.87
CA HIS A 57 -15.16 -10.96 -1.39
C HIS A 57 -14.92 -10.44 -2.80
N ILE A 58 -15.25 -11.22 -3.82
CA ILE A 58 -14.97 -10.79 -5.21
C ILE A 58 -16.13 -10.10 -5.92
N TRP A 59 -17.36 -10.26 -5.42
CA TRP A 59 -18.46 -9.41 -5.88
C TRP A 59 -19.61 -9.38 -4.88
N ASP A 60 -20.42 -8.35 -4.96
CA ASP A 60 -21.48 -8.10 -3.97
C ASP A 60 -22.80 -8.04 -4.71
N SER A 61 -23.73 -8.92 -4.35
CA SER A 61 -25.03 -9.03 -5.03
C SER A 61 -25.97 -7.90 -4.68
N ASN A 62 -25.85 -7.37 -3.45
CA ASN A 62 -26.61 -6.17 -3.02
C ASN A 62 -26.34 -4.96 -3.93
N THR A 63 -25.08 -4.58 -4.04
CA THR A 63 -24.65 -3.40 -4.81
C THR A 63 -24.29 -3.69 -6.28
N ASP A 64 -24.28 -4.95 -6.68
CA ASP A 64 -23.82 -5.36 -8.04
C ASP A 64 -22.45 -4.78 -8.49
N THR A 65 -21.51 -4.69 -7.55
CA THR A 65 -20.12 -4.28 -7.82
C THR A 65 -19.20 -5.50 -7.82
N VAL A 66 -18.14 -5.42 -8.59
CA VAL A 66 -17.21 -6.53 -8.79
C VAL A 66 -15.81 -6.05 -8.46
N ALA A 67 -15.02 -6.94 -7.84
CA ALA A 67 -13.67 -6.60 -7.41
C ALA A 67 -12.67 -6.67 -8.52
N ASN A 68 -11.65 -5.83 -8.44
CA ASN A 68 -10.38 -6.07 -9.12
C ASN A 68 -9.47 -6.91 -8.22
N PHE A 69 -8.58 -7.68 -8.82
CA PHE A 69 -7.49 -8.27 -8.05
C PHE A 69 -6.24 -8.43 -8.86
N VAL A 70 -5.12 -8.56 -8.17
CA VAL A 70 -3.85 -8.86 -8.78
C VAL A 70 -3.15 -9.83 -7.84
N THR A 71 -2.57 -10.87 -8.40
CA THR A 71 -1.76 -11.79 -7.64
C THR A 71 -0.45 -12.02 -8.37
N SER A 72 0.61 -12.23 -7.58
CA SER A 72 1.90 -12.59 -8.16
C SER A 72 2.42 -13.81 -7.45
N PHE A 73 3.14 -14.65 -8.17
CA PHE A 73 3.83 -15.75 -7.52
C PHE A 73 5.01 -16.24 -8.34
N SER A 74 5.92 -16.90 -7.65
CA SER A 74 7.03 -17.58 -8.28
C SER A 74 6.89 -19.09 -8.09
N PHE A 75 7.10 -19.83 -9.16
CA PHE A 75 7.07 -21.27 -9.07
C PHE A 75 8.19 -21.91 -9.85
N VAL A 76 8.44 -23.18 -9.53
CA VAL A 76 9.40 -24.03 -10.20
C VAL A 76 8.75 -25.38 -10.49
N ILE A 77 8.90 -25.84 -11.72
CA ILE A 77 8.59 -27.20 -12.11
C ILE A 77 9.89 -27.88 -12.55
N ASP A 78 10.22 -28.99 -11.88
CA ASP A 78 11.40 -29.81 -12.24
C ASP A 78 10.97 -31.22 -12.66
N ALA A 79 11.00 -31.45 -13.97
CA ALA A 79 10.76 -32.77 -14.56
C ALA A 79 12.10 -33.50 -14.78
N PRO A 80 12.31 -34.68 -14.15
CA PRO A 80 13.52 -35.47 -14.43
C PRO A 80 13.72 -35.79 -15.94
N ASN A 81 12.61 -36.01 -16.64
CA ASN A 81 12.62 -36.18 -18.08
C ASN A 81 11.59 -35.22 -18.69
N LYS A 82 12.08 -34.22 -19.41
CA LYS A 82 11.23 -33.15 -19.96
C LYS A 82 10.15 -33.61 -20.94
N ALA A 83 10.49 -34.58 -21.80
CA ALA A 83 9.54 -35.14 -22.76
C ALA A 83 8.39 -35.91 -22.10
N LYS A 84 8.60 -36.39 -20.88
CA LYS A 84 7.58 -37.07 -20.10
C LYS A 84 7.10 -36.23 -18.89
N ALA A 85 7.00 -34.92 -19.09
CA ALA A 85 6.51 -34.03 -18.03
C ALA A 85 4.99 -34.17 -17.88
N ALA A 86 4.50 -34.24 -16.64
CA ALA A 86 3.05 -34.19 -16.37
C ALA A 86 2.75 -33.86 -14.89
N ASP A 87 1.58 -33.34 -14.53
CA ASP A 87 0.52 -32.82 -15.42
C ASP A 87 0.41 -31.29 -15.49
N GLY A 88 0.78 -30.62 -14.41
CA GLY A 88 0.82 -29.18 -14.37
C GLY A 88 0.44 -28.56 -13.04
N LEU A 89 0.30 -27.25 -13.09
CA LEU A 89 0.01 -26.40 -11.95
C LEU A 89 -1.02 -25.39 -12.40
N ALA A 90 -1.89 -24.96 -11.47
CA ALA A 90 -2.83 -23.88 -11.75
C ALA A 90 -3.08 -22.97 -10.54
N PHE A 91 -3.31 -21.69 -10.83
CA PHE A 91 -3.85 -20.75 -9.85
C PHE A 91 -5.35 -20.71 -10.12
N PHE A 92 -6.16 -20.72 -9.06
CA PHE A 92 -7.61 -20.74 -9.24
C PHE A 92 -8.38 -20.00 -8.17
N LEU A 93 -9.63 -19.68 -8.55
CA LEU A 93 -10.65 -19.16 -7.65
C LEU A 93 -11.80 -20.15 -7.67
N ALA A 94 -12.36 -20.44 -6.50
CA ALA A 94 -13.36 -21.46 -6.38
C ALA A 94 -14.23 -21.19 -5.17
N PRO A 95 -15.37 -21.91 -5.04
CA PRO A 95 -16.20 -21.67 -3.86
C PRO A 95 -15.46 -21.97 -2.57
N VAL A 96 -15.89 -21.32 -1.48
CA VAL A 96 -15.18 -21.37 -0.22
C VAL A 96 -14.94 -22.78 0.30
N ASP A 97 -15.94 -23.65 0.16
CA ASP A 97 -15.84 -25.06 0.60
C ASP A 97 -15.11 -26.01 -0.40
N THR A 98 -14.40 -25.46 -1.38
CA THR A 98 -13.74 -26.25 -2.42
C THR A 98 -12.85 -27.35 -1.85
N GLU A 99 -12.92 -28.53 -2.48
CA GLU A 99 -12.14 -29.70 -2.12
C GLU A 99 -11.43 -30.23 -3.35
N PRO A 100 -10.31 -30.97 -3.16
CA PRO A 100 -9.60 -31.54 -4.33
C PRO A 100 -10.50 -32.49 -5.13
N GLN A 101 -10.38 -32.44 -6.44
CA GLN A 101 -11.14 -33.30 -7.34
C GLN A 101 -10.18 -34.34 -7.94
N LYS A 102 -10.28 -34.63 -9.23
CA LYS A 102 -9.55 -35.77 -9.79
C LYS A 102 -8.10 -35.41 -10.02
N PRO A 103 -7.19 -36.37 -9.81
CA PRO A 103 -5.78 -36.13 -10.06
C PRO A 103 -5.47 -36.08 -11.55
N GLY A 104 -4.18 -36.10 -11.90
CA GLY A 104 -3.78 -36.16 -13.30
C GLY A 104 -4.06 -34.90 -14.06
N GLY A 105 -4.47 -35.05 -15.33
CA GLY A 105 -4.77 -33.92 -16.21
C GLY A 105 -5.98 -33.06 -15.86
N LEU A 106 -6.77 -33.48 -14.90
CA LEU A 106 -7.85 -32.65 -14.35
C LEU A 106 -7.35 -31.73 -13.21
N LEU A 107 -6.07 -31.87 -12.85
CA LEU A 107 -5.31 -30.94 -12.01
C LEU A 107 -5.85 -30.71 -10.60
N GLY A 108 -6.72 -31.59 -10.12
CA GLY A 108 -7.35 -31.41 -8.84
C GLY A 108 -8.49 -30.40 -8.85
N LEU A 109 -8.88 -29.91 -10.03
CA LEU A 109 -9.90 -28.87 -10.17
C LEU A 109 -11.29 -29.39 -10.53
N PHE A 110 -11.34 -30.39 -11.39
CA PHE A 110 -12.58 -30.89 -11.96
C PHE A 110 -12.74 -32.38 -11.70
N HIS A 111 -13.99 -32.86 -11.63
CA HIS A 111 -14.26 -34.32 -11.52
C HIS A 111 -14.48 -34.96 -12.89
N ASP A 112 -14.49 -34.16 -13.95
CA ASP A 112 -14.60 -34.68 -15.33
C ASP A 112 -14.08 -33.64 -16.32
N ASP A 113 -14.11 -33.98 -17.61
CA ASP A 113 -13.59 -33.10 -18.66
C ASP A 113 -14.65 -32.32 -19.45
N ARG A 114 -15.82 -32.14 -18.87
CA ARG A 114 -16.92 -31.44 -19.53
C ARG A 114 -17.01 -30.01 -19.04
N HIS A 115 -17.81 -29.21 -19.74
CA HIS A 115 -18.14 -27.84 -19.37
C HIS A 115 -19.31 -27.93 -18.43
N ASN A 116 -19.27 -27.22 -17.32
CA ASN A 116 -20.36 -27.24 -16.36
C ASN A 116 -20.36 -26.04 -15.45
N LYS A 117 -21.41 -25.22 -15.52
CA LYS A 117 -21.54 -23.99 -14.73
C LYS A 117 -21.58 -24.18 -13.23
N SER A 118 -21.93 -25.38 -12.78
CA SER A 118 -21.96 -25.66 -11.33
C SER A 118 -20.54 -25.93 -10.70
N ASN A 119 -19.51 -26.02 -11.54
CA ASN A 119 -18.12 -26.04 -11.06
C ASN A 119 -17.72 -24.77 -10.31
N HIS A 120 -18.12 -23.61 -10.84
CA HIS A 120 -17.76 -22.29 -10.30
C HIS A 120 -16.23 -22.11 -10.12
N ILE A 121 -15.47 -22.48 -11.15
CA ILE A 121 -14.02 -22.41 -11.13
C ILE A 121 -13.56 -21.44 -12.21
N VAL A 122 -12.66 -20.55 -11.83
CA VAL A 122 -11.87 -19.80 -12.81
C VAL A 122 -10.44 -20.12 -12.47
N ALA A 123 -9.65 -20.47 -13.50
CA ALA A 123 -8.29 -20.87 -13.27
C ALA A 123 -7.35 -20.46 -14.40
N VAL A 124 -6.07 -20.30 -14.04
CA VAL A 124 -5.00 -20.13 -15.01
C VAL A 124 -4.11 -21.34 -14.83
N GLU A 125 -3.93 -22.11 -15.90
CA GLU A 125 -3.21 -23.37 -15.85
C GLU A 125 -1.87 -23.30 -16.57
N PHE A 126 -0.89 -24.02 -16.02
CA PHE A 126 0.42 -24.16 -16.62
C PHE A 126 0.50 -25.66 -16.88
N ASP A 127 0.19 -26.03 -18.12
CA ASP A 127 -0.18 -27.40 -18.49
C ASP A 127 0.98 -28.06 -19.21
N THR A 128 1.59 -29.05 -18.57
CA THR A 128 2.79 -29.70 -19.10
C THR A 128 2.57 -30.99 -19.90
N PHE A 129 1.32 -31.47 -19.96
CA PHE A 129 1.00 -32.75 -20.62
C PHE A 129 -0.24 -32.66 -21.52
N LYS A 130 -0.11 -33.15 -22.75
CA LYS A 130 -1.17 -33.13 -23.74
C LYS A 130 -2.19 -34.27 -23.52
N ASN A 131 -3.36 -33.89 -22.97
CA ASN A 131 -4.53 -34.75 -22.87
C ASN A 131 -5.36 -34.65 -24.17
N SER A 132 -6.38 -35.48 -24.30
CA SER A 132 -7.24 -35.49 -25.51
C SER A 132 -7.86 -34.12 -25.86
N TRP A 133 -8.20 -33.36 -24.82
CA TRP A 133 -8.82 -32.01 -24.94
C TRP A 133 -7.85 -30.84 -25.15
N ASP A 134 -6.55 -31.10 -25.06
CA ASP A 134 -5.52 -30.05 -25.08
C ASP A 134 -5.03 -29.74 -26.47
N PRO A 135 -4.55 -28.50 -26.69
CA PRO A 135 -3.81 -28.24 -27.92
C PRO A 135 -2.42 -28.88 -27.86
N GLU A 136 -1.75 -28.91 -29.00
CA GLU A 136 -0.42 -29.49 -29.11
C GLU A 136 0.60 -28.65 -28.33
N GLY A 137 1.49 -29.30 -27.59
CA GLY A 137 2.58 -28.62 -26.88
C GLY A 137 2.16 -28.13 -25.51
N THR A 138 3.17 -27.92 -24.67
CA THR A 138 2.95 -27.37 -23.33
C THR A 138 2.40 -25.94 -23.47
N HIS A 139 1.48 -25.56 -22.58
CA HIS A 139 0.74 -24.32 -22.78
C HIS A 139 0.21 -23.72 -21.49
N ILE A 140 -0.14 -22.46 -21.57
CA ILE A 140 -0.80 -21.74 -20.50
C ILE A 140 -2.23 -21.51 -20.97
N GLY A 141 -3.18 -21.72 -20.07
CA GLY A 141 -4.57 -21.57 -20.41
C GLY A 141 -5.37 -20.80 -19.37
N ILE A 142 -6.39 -20.10 -19.86
CA ILE A 142 -7.43 -19.55 -19.02
C ILE A 142 -8.63 -20.50 -19.09
N ASN A 143 -9.08 -20.95 -17.93
CA ASN A 143 -10.09 -21.96 -17.78
C ASN A 143 -11.27 -21.43 -16.98
N VAL A 144 -12.47 -21.60 -17.54
CA VAL A 144 -13.70 -21.20 -16.88
C VAL A 144 -14.62 -22.40 -16.86
N ASN A 145 -14.86 -22.94 -15.67
CA ASN A 145 -15.78 -24.08 -15.49
C ASN A 145 -15.47 -25.37 -16.27
N SER A 146 -14.22 -25.53 -16.71
CA SER A 146 -13.84 -26.69 -17.50
C SER A 146 -12.33 -26.79 -17.60
N ILE A 147 -11.84 -28.01 -17.67
CA ILE A 147 -10.45 -28.26 -17.98
C ILE A 147 -10.13 -27.88 -19.44
N VAL A 148 -11.14 -27.80 -20.31
CA VAL A 148 -10.90 -27.39 -21.69
C VAL A 148 -10.82 -25.87 -21.71
N SER A 149 -9.62 -25.34 -21.89
CA SER A 149 -9.36 -23.91 -21.75
C SER A 149 -10.15 -23.09 -22.76
N ARG A 150 -10.64 -21.95 -22.30
CA ARG A 150 -11.27 -20.96 -23.14
C ARG A 150 -10.27 -20.32 -24.12
N LYS A 151 -9.02 -20.22 -23.72
CA LYS A 151 -7.97 -19.63 -24.54
C LYS A 151 -6.62 -20.13 -24.05
N THR A 152 -5.70 -20.32 -24.99
CA THR A 152 -4.38 -20.83 -24.67
C THR A 152 -3.32 -20.12 -25.49
N ILE A 153 -2.09 -20.20 -24.98
CA ILE A 153 -0.90 -19.82 -25.72
C ILE A 153 0.18 -20.88 -25.48
N SER A 154 1.08 -20.95 -26.44
CA SER A 154 2.24 -21.79 -26.34
C SER A 154 3.14 -21.28 -25.19
N TRP A 155 3.71 -22.22 -24.44
CA TRP A 155 4.64 -21.91 -23.35
C TRP A 155 5.66 -23.02 -23.27
N ASP A 156 6.93 -22.67 -23.39
CA ASP A 156 8.01 -23.65 -23.28
C ASP A 156 8.46 -23.68 -21.83
N LEU A 157 8.24 -24.82 -21.20
CA LEU A 157 8.73 -25.08 -19.85
C LEU A 157 10.25 -24.98 -19.82
N GLU A 158 10.77 -24.14 -18.94
CA GLU A 158 12.21 -24.07 -18.69
C GLU A 158 12.45 -24.81 -17.37
N ASN A 159 13.03 -25.98 -17.52
CA ASN A 159 13.06 -26.98 -16.46
C ASN A 159 13.90 -26.51 -15.30
N ASP A 160 13.34 -26.62 -14.10
CA ASP A 160 13.99 -26.21 -12.87
C ASP A 160 14.39 -24.71 -12.77
N GLU A 161 13.84 -23.85 -13.61
CA GLU A 161 14.05 -22.40 -13.55
C GLU A 161 12.86 -21.71 -12.87
N VAL A 162 13.12 -20.61 -12.19
CA VAL A 162 12.09 -19.84 -11.50
C VAL A 162 11.22 -19.10 -12.52
N ALA A 163 9.90 -19.32 -12.45
CA ALA A 163 8.93 -18.59 -13.27
C ALA A 163 8.21 -17.60 -12.39
N ASN A 164 8.16 -16.34 -12.82
CA ASN A 164 7.44 -15.27 -12.14
C ASN A 164 6.12 -15.01 -12.87
N VAL A 165 5.00 -15.26 -12.18
CA VAL A 165 3.66 -15.09 -12.74
C VAL A 165 2.94 -13.89 -12.10
N VAL A 166 2.21 -13.14 -12.93
CA VAL A 166 1.26 -12.13 -12.46
C VAL A 166 -0.08 -12.42 -13.15
N ILE A 167 -1.15 -12.43 -12.37
CA ILE A 167 -2.49 -12.61 -12.87
C ILE A 167 -3.34 -11.48 -12.32
N SER A 168 -4.13 -10.84 -13.17
CA SER A 168 -4.94 -9.71 -12.72
C SER A 168 -6.31 -9.71 -13.37
N TYR A 169 -7.27 -9.15 -12.67
CA TYR A 169 -8.61 -9.03 -13.15
C TYR A 169 -9.03 -7.57 -13.08
N GLN A 170 -9.42 -7.02 -14.23
CA GLN A 170 -9.95 -5.68 -14.35
C GLN A 170 -11.48 -5.81 -14.58
N ALA A 171 -12.27 -5.49 -13.55
CA ALA A 171 -13.72 -5.62 -13.58
C ALA A 171 -14.42 -4.76 -14.63
N SER A 172 -13.94 -3.53 -14.86
CA SER A 172 -14.62 -2.64 -15.81
C SER A 172 -14.60 -3.15 -17.24
N THR A 173 -13.57 -3.90 -17.61
CA THR A 173 -13.47 -4.51 -18.95
C THR A 173 -13.66 -6.02 -18.92
N LYS A 174 -13.98 -6.56 -17.74
CA LYS A 174 -14.11 -8.01 -17.52
C LYS A 174 -12.92 -8.84 -18.03
N THR A 175 -11.70 -8.32 -17.86
CA THR A 175 -10.51 -8.88 -18.50
C THR A 175 -9.59 -9.53 -17.46
N LEU A 176 -9.28 -10.80 -17.72
CA LEU A 176 -8.33 -11.56 -16.93
C LEU A 176 -7.04 -11.64 -17.70
N THR A 177 -5.94 -11.21 -17.10
CA THR A 177 -4.64 -11.22 -17.77
C THR A 177 -3.69 -12.08 -16.97
N ALA A 178 -2.85 -12.83 -17.68
CA ALA A 178 -1.89 -13.71 -17.02
C ALA A 178 -0.58 -13.60 -17.76
N SER A 179 0.50 -13.38 -17.02
CA SER A 179 1.82 -13.31 -17.59
C SER A 179 2.78 -14.22 -16.84
N LEU A 180 3.77 -14.72 -17.57
CA LEU A 180 4.85 -15.53 -17.02
C LEU A 180 6.16 -15.03 -17.61
N VAL A 181 7.14 -14.82 -16.74
CA VAL A 181 8.47 -14.38 -17.14
C VAL A 181 9.49 -15.35 -16.53
N TYR A 182 10.47 -15.74 -17.34
CA TYR A 182 11.65 -16.45 -16.83
C TYR A 182 12.81 -15.48 -16.88
N PRO A 183 13.20 -14.91 -15.73
CA PRO A 183 14.30 -13.95 -15.78
C PRO A 183 15.66 -14.54 -16.22
N SER A 184 15.89 -15.81 -15.90
CA SER A 184 17.14 -16.52 -16.27
C SER A 184 17.43 -16.48 -17.78
N SER A 185 16.41 -16.66 -18.61
CA SER A 185 16.56 -16.68 -20.08
C SER A 185 15.93 -15.48 -20.79
N SER A 186 15.39 -14.51 -20.03
CA SER A 186 14.69 -13.36 -20.58
C SER A 186 13.54 -13.71 -21.52
N THR A 187 12.80 -14.76 -21.19
CA THR A 187 11.68 -15.23 -21.99
C THR A 187 10.42 -14.84 -21.25
N SER A 188 9.36 -14.50 -21.98
CA SER A 188 8.11 -14.10 -21.35
C SER A 188 6.91 -14.41 -22.17
N TYR A 189 5.78 -14.54 -21.48
CA TYR A 189 4.51 -14.98 -22.07
C TYR A 189 3.34 -14.19 -21.48
N ILE A 190 2.33 -13.96 -22.29
CA ILE A 190 1.16 -13.24 -21.81
C ILE A 190 -0.09 -13.65 -22.58
N LEU A 191 -1.21 -13.68 -21.88
CA LEU A 191 -2.49 -13.75 -22.55
C LEU A 191 -3.56 -13.15 -21.68
N ASN A 192 -4.67 -12.82 -22.32
CA ASN A 192 -5.80 -12.31 -21.61
C ASN A 192 -7.08 -12.67 -22.35
N ASP A 193 -8.18 -12.68 -21.60
CA ASP A 193 -9.47 -13.00 -22.15
C ASP A 193 -10.58 -12.41 -21.29
N VAL A 194 -11.75 -12.22 -21.93
CA VAL A 194 -12.95 -11.79 -21.24
C VAL A 194 -13.49 -12.94 -20.40
N VAL A 195 -13.66 -12.66 -19.12
CA VAL A 195 -14.23 -13.58 -18.15
C VAL A 195 -15.13 -12.74 -17.25
N ASP A 196 -16.39 -13.11 -17.10
CA ASP A 196 -17.31 -12.35 -16.27
C ASP A 196 -17.45 -13.03 -14.91
N LEU A 197 -16.68 -12.55 -13.93
CA LEU A 197 -16.64 -13.21 -12.60
C LEU A 197 -17.98 -13.32 -11.89
N LYS A 198 -18.83 -12.30 -12.06
CA LYS A 198 -20.17 -12.28 -11.48
C LYS A 198 -21.05 -13.43 -11.98
N GLN A 199 -20.95 -13.80 -13.24
CA GLN A 199 -21.65 -14.97 -13.80
C GLN A 199 -21.11 -16.31 -13.34
N ILE A 200 -19.82 -16.39 -13.12
CA ILE A 200 -19.12 -17.66 -12.90
C ILE A 200 -18.99 -18.03 -11.43
N LEU A 201 -18.61 -17.08 -10.59
CA LEU A 201 -18.19 -17.39 -9.23
C LEU A 201 -19.22 -16.92 -8.24
N PRO A 202 -19.26 -17.55 -7.05
CA PRO A 202 -20.04 -16.96 -5.96
C PRO A 202 -19.40 -15.67 -5.43
N GLU A 203 -20.12 -14.99 -4.54
CA GLU A 203 -19.70 -13.71 -4.03
C GLU A 203 -18.41 -13.80 -3.26
N TYR A 204 -18.26 -14.88 -2.50
CA TYR A 204 -17.02 -15.15 -1.79
C TYR A 204 -16.36 -16.37 -2.38
N VAL A 205 -15.04 -16.28 -2.56
CA VAL A 205 -14.26 -17.41 -3.06
C VAL A 205 -13.05 -17.63 -2.19
N ARG A 206 -12.46 -18.80 -2.34
CA ARG A 206 -11.09 -18.98 -1.90
C ARG A 206 -10.18 -19.02 -3.12
N VAL A 207 -8.93 -18.60 -2.90
CA VAL A 207 -7.94 -18.51 -3.98
C VAL A 207 -6.73 -19.30 -3.57
N GLY A 208 -6.07 -19.87 -4.57
CA GLY A 208 -4.83 -20.58 -4.31
C GLY A 208 -4.37 -21.41 -5.48
N PHE A 209 -3.61 -22.46 -5.15
CA PHE A 209 -2.90 -23.26 -6.12
C PHE A 209 -3.32 -24.70 -6.04
N THR A 210 -3.16 -25.39 -7.17
CA THR A 210 -3.29 -26.81 -7.26
C THR A 210 -2.25 -27.35 -8.22
N ALA A 211 -1.77 -28.55 -7.97
CA ALA A 211 -0.87 -29.23 -8.94
C ALA A 211 -0.99 -30.73 -8.83
N ALA A 212 -0.64 -31.38 -9.92
CA ALA A 212 -0.74 -32.82 -10.05
C ALA A 212 0.43 -33.35 -10.87
N SER A 213 1.05 -34.43 -10.38
CA SER A 213 1.99 -35.20 -11.18
C SER A 213 1.21 -36.25 -11.99
N GLY A 214 1.87 -36.82 -13.00
CA GLY A 214 1.21 -37.76 -13.91
C GLY A 214 0.77 -39.08 -13.29
N LEU A 215 -0.14 -39.75 -13.98
CA LEU A 215 -0.74 -41.02 -13.53
C LEU A 215 0.02 -42.30 -13.92
N SER A 216 1.18 -42.16 -14.57
CA SER A 216 2.14 -43.28 -14.75
C SER A 216 3.48 -42.89 -14.13
N LYS A 217 4.24 -43.88 -13.69
CA LYS A 217 5.49 -43.66 -12.93
C LYS A 217 6.58 -42.85 -13.63
N ASP A 218 6.62 -42.90 -14.96
CA ASP A 218 7.64 -42.21 -15.76
C ASP A 218 7.23 -40.78 -16.21
N HIS A 219 5.99 -40.37 -15.92
CA HIS A 219 5.48 -39.03 -16.27
C HIS A 219 5.27 -38.16 -15.02
N VAL A 220 6.36 -37.60 -14.52
CA VAL A 220 6.37 -36.94 -13.23
C VAL A 220 7.12 -35.62 -13.28
N GLU A 221 6.78 -34.73 -12.36
CA GLU A 221 7.53 -33.50 -12.12
C GLU A 221 7.19 -32.95 -10.75
N THR A 222 8.07 -32.12 -10.22
CA THR A 222 7.79 -31.38 -9.01
C THR A 222 6.99 -30.12 -9.36
N HIS A 223 6.28 -29.57 -8.37
CA HIS A 223 5.57 -28.30 -8.48
C HIS A 223 5.70 -27.51 -7.16
N ASP A 224 6.64 -26.58 -7.10
CA ASP A 224 6.89 -25.80 -5.90
C ASP A 224 6.55 -24.32 -6.11
N VAL A 225 5.80 -23.74 -5.19
CA VAL A 225 5.57 -22.31 -5.15
C VAL A 225 6.51 -21.70 -4.13
N LEU A 226 7.29 -20.69 -4.54
CA LEU A 226 8.31 -20.09 -3.67
C LEU A 226 7.83 -18.84 -2.94
N ALA A 227 6.84 -18.14 -3.51
CA ALA A 227 6.39 -16.85 -2.97
C ALA A 227 5.08 -16.47 -3.63
N TRP A 228 4.31 -15.63 -2.95
CA TRP A 228 2.92 -15.37 -3.33
C TRP A 228 2.46 -14.06 -2.69
N THR A 229 2.03 -13.11 -3.52
CA THR A 229 1.28 -11.95 -3.05
C THR A 229 -0.11 -11.94 -3.68
N PHE A 230 -1.08 -11.41 -2.94
CA PHE A 230 -2.45 -11.27 -3.45
C PHE A 230 -3.05 -9.98 -2.98
N ASP A 231 -3.76 -9.29 -3.86
CA ASP A 231 -4.47 -8.04 -3.54
C ASP A 231 -5.81 -8.01 -4.24
N SER A 232 -6.88 -7.76 -3.48
CA SER A 232 -8.18 -7.56 -4.08
C SER A 232 -8.82 -6.32 -3.55
N ASP A 233 -9.65 -5.70 -4.39
CA ASP A 233 -10.29 -4.44 -4.04
C ASP A 233 -11.71 -4.48 -4.59
N LEU A 234 -12.69 -4.61 -3.70
CA LEU A 234 -14.11 -4.49 -4.04
C LEU A 234 -14.51 -3.03 -3.81
N PRO A 235 -14.67 -2.25 -4.88
CA PRO A 235 -14.87 -0.82 -4.70
C PRO A 235 -16.24 -0.44 -4.19
N ASP A 236 -16.35 0.82 -3.75
CA ASP A 236 -17.65 1.44 -3.46
C ASP A 236 -18.50 1.52 -4.73
N PRO A 237 -19.85 1.42 -4.56
CA PRO A 237 -20.70 1.33 -5.76
C PRO A 237 -20.71 2.59 -6.57
N SER A 238 -20.92 2.48 -7.88
CA SER A 238 -20.82 3.64 -8.78
C SER A 238 -22.10 4.45 -8.56
N LYS B 1 9.33 -12.91 5.01
CA LYS B 1 8.38 -11.81 5.27
C LYS B 1 6.94 -12.25 4.99
N GLU B 2 6.06 -11.93 5.93
CA GLU B 2 4.65 -12.24 5.78
C GLU B 2 3.86 -11.01 6.15
N THR B 3 2.94 -10.59 5.29
CA THR B 3 2.02 -9.50 5.64
C THR B 3 0.59 -9.94 5.41
N THR B 4 -0.30 -9.40 6.24
CA THR B 4 -1.72 -9.53 6.07
C THR B 4 -2.34 -8.17 6.19
N SER B 5 -3.29 -7.86 5.31
CA SER B 5 -4.13 -6.70 5.56
C SER B 5 -5.53 -6.81 5.00
N PHE B 6 -6.40 -5.99 5.57
CA PHE B 6 -7.76 -5.90 5.09
C PHE B 6 -8.36 -4.57 5.45
N VAL B 7 -9.36 -4.17 4.67
CA VAL B 7 -10.07 -2.91 4.87
C VAL B 7 -11.55 -3.17 4.68
N PHE B 8 -12.34 -2.70 5.63
CA PHE B 8 -13.79 -2.60 5.47
C PHE B 8 -14.16 -1.17 5.76
N THR B 9 -14.53 -0.39 4.75
CA THR B 9 -15.09 0.96 5.01
C THR B 9 -16.57 0.90 5.38
N ARG B 10 -17.20 -0.24 5.11
CA ARG B 10 -18.48 -0.60 5.68
C ARG B 10 -18.63 -2.11 5.55
N PHE B 11 -19.65 -2.68 6.21
CA PHE B 11 -19.84 -4.12 6.26
C PHE B 11 -21.03 -4.57 5.43
N SER B 12 -20.90 -5.72 4.79
CA SER B 12 -21.99 -6.31 4.01
C SER B 12 -22.65 -7.45 4.82
N PRO B 13 -23.93 -7.71 4.59
CA PRO B 13 -24.63 -8.74 5.40
C PRO B 13 -24.09 -10.14 5.06
N ASP B 14 -24.12 -11.05 6.04
CA ASP B 14 -23.49 -12.37 5.92
C ASP B 14 -22.02 -12.29 5.42
N PRO B 15 -21.13 -11.66 6.20
CA PRO B 15 -19.75 -11.50 5.79
C PRO B 15 -18.96 -12.78 6.03
N GLN B 16 -18.72 -13.54 4.96
CA GLN B 16 -18.06 -14.84 5.07
C GLN B 16 -16.60 -14.82 5.45
N ASN B 17 -15.92 -13.67 5.30
CA ASN B 17 -14.55 -13.50 5.82
C ASN B 17 -14.48 -12.93 7.25
N LEU B 18 -15.63 -12.86 7.93
CA LEU B 18 -15.68 -12.55 9.36
C LEU B 18 -16.33 -13.70 10.10
N LEU B 19 -15.77 -14.04 11.26
CA LEU B 19 -16.34 -15.02 12.16
C LEU B 19 -17.19 -14.22 13.15
N LEU B 20 -18.50 -14.27 12.98
CA LEU B 20 -19.43 -13.61 13.90
C LEU B 20 -19.79 -14.58 15.02
N GLN B 21 -19.68 -14.12 16.26
CA GLN B 21 -19.89 -14.96 17.44
C GLN B 21 -20.89 -14.24 18.36
N GLY B 22 -21.71 -15.01 19.07
CA GLY B 22 -22.74 -14.44 19.95
C GLY B 22 -23.80 -13.71 19.14
N ASP B 23 -24.18 -12.52 19.62
CA ASP B 23 -25.32 -11.80 19.06
C ASP B 23 -25.03 -10.97 17.81
N THR B 24 -23.78 -10.97 17.33
CA THR B 24 -23.36 -10.04 16.30
C THR B 24 -24.15 -10.20 14.99
N VAL B 25 -24.65 -9.09 14.45
CA VAL B 25 -25.18 -9.04 13.08
C VAL B 25 -24.59 -7.84 12.32
N VAL B 26 -24.71 -7.88 11.00
CA VAL B 26 -24.50 -6.73 10.18
C VAL B 26 -25.85 -6.12 9.84
N THR B 27 -25.99 -4.82 10.09
CA THR B 27 -27.23 -4.10 9.80
C THR B 27 -27.32 -3.80 8.31
N SER B 28 -28.49 -3.37 7.87
CA SER B 28 -28.69 -2.96 6.47
C SER B 28 -27.92 -1.68 6.12
N SER B 29 -27.72 -0.80 7.09
CA SER B 29 -26.86 0.38 6.95
C SER B 29 -25.34 0.06 6.96
N GLY B 30 -24.98 -1.23 7.07
CA GLY B 30 -23.60 -1.69 6.95
C GLY B 30 -22.72 -1.56 8.19
N HIS B 31 -23.33 -1.53 9.36
CA HIS B 31 -22.63 -1.48 10.63
C HIS B 31 -22.48 -2.89 11.17
N LEU B 32 -21.40 -3.12 11.91
CA LEU B 32 -21.20 -4.35 12.62
C LEU B 32 -21.82 -4.15 14.00
N GLN B 33 -22.98 -4.75 14.21
CA GLN B 33 -23.75 -4.54 15.42
C GLN B 33 -23.45 -5.64 16.43
N LEU B 34 -22.62 -5.33 17.40
CA LEU B 34 -22.07 -6.37 18.28
C LEU B 34 -23.09 -6.84 19.33
N THR B 35 -23.80 -5.91 19.95
CA THR B 35 -24.83 -6.28 20.92
C THR B 35 -26.21 -6.06 20.31
N GLN B 36 -27.17 -6.87 20.74
CA GLN B 36 -28.52 -6.95 20.12
C GLN B 36 -29.33 -5.65 20.29
N VAL B 37 -30.10 -5.33 19.24
CA VAL B 37 -30.99 -4.16 19.23
C VAL B 37 -32.40 -4.62 18.84
N LYS B 38 -33.38 -4.26 19.66
CA LYS B 38 -34.76 -4.72 19.47
C LYS B 38 -35.69 -3.53 19.60
N ASP B 39 -36.45 -3.23 18.54
CA ASP B 39 -37.39 -2.10 18.48
C ASP B 39 -36.68 -0.76 18.73
N GLY B 40 -35.53 -0.58 18.09
CA GLY B 40 -34.71 0.61 18.24
C GLY B 40 -33.91 0.77 19.53
N GLU B 41 -34.00 -0.19 20.46
CA GLU B 41 -33.38 -0.06 21.78
C GLU B 41 -32.39 -1.21 22.05
N PRO B 42 -31.30 -0.92 22.79
CA PRO B 42 -30.39 -1.99 23.13
C PRO B 42 -30.97 -2.97 24.14
N VAL B 43 -30.64 -4.24 23.95
CA VAL B 43 -31.07 -5.33 24.80
C VAL B 43 -29.97 -5.65 25.81
N TYR B 44 -30.38 -5.97 27.02
CA TYR B 44 -29.45 -6.27 28.10
C TYR B 44 -28.93 -7.70 27.95
N SER B 45 -27.89 -8.00 28.72
CA SER B 45 -27.26 -9.31 28.77
C SER B 45 -26.93 -9.85 27.36
N SER B 46 -26.43 -8.94 26.52
CA SER B 46 -26.10 -9.25 25.13
C SER B 46 -24.58 -9.25 25.02
N LEU B 47 -24.07 -10.18 24.21
CA LEU B 47 -22.66 -10.37 24.00
C LEU B 47 -22.43 -10.69 22.55
N GLY B 48 -21.57 -9.91 21.90
CA GLY B 48 -21.21 -10.20 20.52
C GLY B 48 -19.74 -9.97 20.27
N ARG B 49 -19.21 -10.78 19.35
CA ARG B 49 -17.86 -10.60 18.87
C ARG B 49 -17.80 -10.80 17.37
N ALA B 50 -16.69 -10.36 16.80
CA ALA B 50 -16.46 -10.47 15.37
C ALA B 50 -14.95 -10.55 15.15
N LEU B 51 -14.50 -11.53 14.39
CA LEU B 51 -13.08 -11.76 14.17
C LEU B 51 -12.80 -11.90 12.69
N TYR B 52 -11.64 -11.45 12.23
CA TYR B 52 -11.25 -11.71 10.84
C TYR B 52 -11.03 -13.22 10.72
N TYR B 53 -11.47 -13.79 9.61
CA TYR B 53 -11.49 -15.25 9.47
C TYR B 53 -10.10 -15.88 9.44
N ALA B 54 -9.17 -15.26 8.73
CA ALA B 54 -7.81 -15.80 8.64
C ALA B 54 -7.00 -15.52 9.90
N PRO B 55 -6.32 -16.54 10.42
CA PRO B 55 -5.31 -16.32 11.45
C PRO B 55 -4.24 -15.32 10.99
N ILE B 56 -3.76 -14.52 11.93
CA ILE B 56 -2.67 -13.58 11.70
C ILE B 56 -1.38 -14.18 12.27
N HIS B 57 -0.32 -14.22 11.46
CA HIS B 57 1.01 -14.65 11.92
C HIS B 57 1.69 -13.49 12.63
N ILE B 58 1.61 -13.46 13.96
CA ILE B 58 2.19 -12.32 14.72
C ILE B 58 3.60 -12.56 15.24
N TRP B 59 4.06 -13.80 15.30
CA TRP B 59 5.48 -14.07 15.55
C TRP B 59 5.86 -15.48 15.08
N ASP B 60 7.15 -15.66 14.82
CA ASP B 60 7.65 -16.90 14.26
C ASP B 60 8.74 -17.44 15.16
N SER B 61 8.56 -18.65 15.67
CA SER B 61 9.50 -19.26 16.63
C SER B 61 10.77 -19.76 15.93
N ASN B 62 10.66 -20.16 14.65
CA ASN B 62 11.83 -20.54 13.83
C ASN B 62 12.84 -19.41 13.69
N THR B 63 12.37 -18.26 13.20
CA THR B 63 13.23 -17.09 12.95
C THR B 63 13.30 -16.10 14.13
N ASP B 64 12.53 -16.33 15.18
CA ASP B 64 12.48 -15.42 16.35
C ASP B 64 12.21 -13.93 16.00
N THR B 65 11.35 -13.70 15.01
CA THR B 65 10.88 -12.36 14.64
C THR B 65 9.47 -12.15 15.18
N VAL B 66 9.13 -10.90 15.44
CA VAL B 66 7.80 -10.50 15.90
C VAL B 66 7.27 -9.47 14.94
N ALA B 67 5.96 -9.53 14.69
CA ALA B 67 5.31 -8.63 13.75
C ALA B 67 5.02 -7.28 14.34
N ASN B 68 5.04 -6.27 13.48
CA ASN B 68 4.35 -5.01 13.77
C ASN B 68 2.93 -5.12 13.22
N PHE B 69 2.00 -4.42 13.85
CA PHE B 69 0.70 -4.22 13.25
C PHE B 69 0.12 -2.88 13.59
N VAL B 70 -0.82 -2.46 12.76
CA VAL B 70 -1.60 -1.25 13.01
C VAL B 70 -3.00 -1.56 12.57
N THR B 71 -3.97 -1.20 13.40
CA THR B 71 -5.36 -1.33 13.06
C THR B 71 -6.07 0.00 13.34
N SER B 72 -7.07 0.29 12.53
CA SER B 72 -7.89 1.45 12.77
C SER B 72 -9.35 1.04 12.71
N PHE B 73 -10.18 1.67 13.52
CA PHE B 73 -11.60 1.46 13.38
C PHE B 73 -12.40 2.64 13.92
N SER B 74 -13.64 2.72 13.46
CA SER B 74 -14.61 3.67 13.95
C SER B 74 -15.74 2.91 14.67
N PHE B 75 -16.11 3.40 15.84
CA PHE B 75 -17.23 2.82 16.56
C PHE B 75 -18.13 3.87 17.16
N VAL B 76 -19.33 3.43 17.51
CA VAL B 76 -20.34 4.24 18.18
C VAL B 76 -20.91 3.43 19.32
N ILE B 77 -20.98 4.06 20.49
CA ILE B 77 -21.72 3.56 21.64
C ILE B 77 -22.86 4.55 21.92
N ASP B 78 -24.11 4.05 21.90
CA ASP B 78 -25.29 4.84 22.22
C ASP B 78 -26.01 4.23 23.43
N ALA B 79 -25.84 4.89 24.59
CA ALA B 79 -26.57 4.56 25.82
C ALA B 79 -27.82 5.43 25.94
N PRO B 80 -29.03 4.82 26.01
CA PRO B 80 -30.26 5.61 26.26
C PRO B 80 -30.18 6.48 27.54
N ASN B 81 -29.51 5.97 28.56
CA ASN B 81 -29.22 6.74 29.77
C ASN B 81 -27.72 6.63 30.05
N LYS B 82 -27.01 7.76 29.91
CA LYS B 82 -25.54 7.78 29.99
C LYS B 82 -24.97 7.35 31.34
N ALA B 83 -25.62 7.76 32.43
CA ALA B 83 -25.21 7.39 33.79
C ALA B 83 -25.31 5.88 34.07
N LYS B 84 -26.18 5.19 33.32
CA LYS B 84 -26.33 3.73 33.43
C LYS B 84 -25.78 3.01 32.18
N ALA B 85 -24.67 3.49 31.64
CA ALA B 85 -24.01 2.84 30.51
C ALA B 85 -23.28 1.57 30.98
N ALA B 86 -23.41 0.49 30.21
CA ALA B 86 -22.61 -0.73 30.43
C ALA B 86 -22.63 -1.66 29.20
N ASP B 87 -21.67 -2.57 29.02
CA ASP B 87 -20.40 -2.68 29.77
C ASP B 87 -19.14 -2.18 29.02
N GLY B 88 -19.16 -2.29 27.69
CA GLY B 88 -18.10 -1.77 26.88
C GLY B 88 -17.80 -2.56 25.64
N LEU B 89 -16.69 -2.17 25.01
CA LEU B 89 -16.23 -2.73 23.75
C LEU B 89 -14.73 -2.91 23.89
N ALA B 90 -14.19 -3.91 23.22
CA ALA B 90 -12.74 -4.10 23.14
C ALA B 90 -12.27 -4.63 21.78
N PHE B 91 -11.06 -4.21 21.40
CA PHE B 91 -10.32 -4.84 20.31
C PHE B 91 -9.36 -5.81 20.97
N PHE B 92 -9.22 -7.01 20.41
CA PHE B 92 -8.35 -8.01 21.01
C PHE B 92 -7.66 -8.95 20.03
N LEU B 93 -6.60 -9.56 20.52
CA LEU B 93 -5.87 -10.64 19.87
C LEU B 93 -5.96 -11.85 20.80
N ALA B 94 -6.18 -13.02 20.23
CA ALA B 94 -6.46 -14.21 21.01
C ALA B 94 -6.12 -15.44 20.20
N PRO B 95 -6.07 -16.63 20.85
CA PRO B 95 -5.73 -17.82 20.07
C PRO B 95 -6.77 -18.09 18.98
N VAL B 96 -6.35 -18.78 17.94
CA VAL B 96 -7.18 -18.98 16.74
C VAL B 96 -8.55 -19.60 17.05
N ASP B 97 -8.59 -20.57 17.96
CA ASP B 97 -9.85 -21.24 18.37
C ASP B 97 -10.69 -20.47 19.42
N THR B 98 -10.39 -19.20 19.65
CA THR B 98 -11.07 -18.41 20.69
C THR B 98 -12.60 -18.45 20.56
N GLU B 99 -13.25 -18.58 21.73
CA GLU B 99 -14.71 -18.58 21.81
C GLU B 99 -15.16 -17.55 22.84
N PRO B 100 -16.41 -17.04 22.73
CA PRO B 100 -16.91 -16.10 23.74
C PRO B 100 -16.89 -16.65 25.15
N GLN B 101 -16.53 -15.82 26.12
CA GLN B 101 -16.49 -16.18 27.52
C GLN B 101 -17.65 -15.47 28.22
N LYS B 102 -17.43 -14.92 29.41
CA LYS B 102 -18.55 -14.46 30.23
C LYS B 102 -19.04 -13.12 29.74
N PRO B 103 -20.36 -12.89 29.81
CA PRO B 103 -20.91 -11.59 29.40
C PRO B 103 -20.61 -10.51 30.43
N GLY B 104 -21.26 -9.35 30.30
CA GLY B 104 -21.13 -8.29 31.28
C GLY B 104 -19.75 -7.63 31.28
N GLY B 105 -19.25 -7.29 32.45
CA GLY B 105 -17.96 -6.63 32.61
C GLY B 105 -16.71 -7.45 32.27
N LEU B 106 -16.87 -8.74 32.03
CA LEU B 106 -15.79 -9.56 31.49
C LEU B 106 -15.70 -9.50 29.95
N LEU B 107 -16.67 -8.79 29.34
CA LEU B 107 -16.64 -8.34 27.94
C LEU B 107 -16.57 -9.46 26.90
N GLY B 108 -16.90 -10.68 27.28
CA GLY B 108 -16.77 -11.82 26.38
C GLY B 108 -15.36 -12.33 26.23
N LEU B 109 -14.41 -11.80 27.00
CA LEU B 109 -12.97 -12.14 26.87
C LEU B 109 -12.47 -13.16 27.87
N PHE B 110 -12.94 -13.06 29.11
CA PHE B 110 -12.42 -13.86 30.22
C PHE B 110 -13.56 -14.64 30.88
N HIS B 111 -13.23 -15.79 31.49
CA HIS B 111 -14.22 -16.56 32.29
C HIS B 111 -14.18 -16.18 33.77
N ASP B 112 -13.25 -15.32 34.17
CA ASP B 112 -13.17 -14.82 35.54
C ASP B 112 -12.34 -13.52 35.58
N ASP B 113 -12.15 -12.94 36.77
CA ASP B 113 -11.44 -11.68 36.92
C ASP B 113 -9.98 -11.81 37.42
N ARG B 114 -9.38 -12.97 37.21
CA ARG B 114 -8.02 -13.21 37.68
C ARG B 114 -7.00 -13.04 36.56
N HIS B 115 -5.74 -12.96 36.94
CA HIS B 115 -4.62 -12.91 36.00
C HIS B 115 -4.27 -14.35 35.70
N ASN B 116 -4.08 -14.69 34.44
CA ASN B 116 -3.77 -16.07 34.07
C ASN B 116 -3.13 -16.13 32.70
N LYS B 117 -1.89 -16.62 32.64
CA LYS B 117 -1.11 -16.72 31.42
C LYS B 117 -1.70 -17.63 30.34
N SER B 118 -2.56 -18.55 30.73
CA SER B 118 -3.21 -19.45 29.77
C SER B 118 -4.39 -18.81 29.00
N ASN B 119 -4.79 -17.59 29.37
CA ASN B 119 -5.76 -16.82 28.59
C ASN B 119 -5.23 -16.47 27.20
N HIS B 120 -3.96 -16.07 27.12
CA HIS B 120 -3.33 -15.64 25.86
C HIS B 120 -4.14 -14.53 25.13
N ILE B 121 -4.56 -13.52 25.89
CA ILE B 121 -5.34 -12.40 25.39
C ILE B 121 -4.55 -11.12 25.55
N VAL B 122 -4.49 -10.33 24.49
CA VAL B 122 -4.09 -8.94 24.58
C VAL B 122 -5.25 -8.14 24.05
N ALA B 123 -5.66 -7.11 24.79
CA ALA B 123 -6.83 -6.34 24.41
C ALA B 123 -6.74 -4.86 24.78
N VAL B 124 -7.45 -4.04 24.02
CA VAL B 124 -7.65 -2.64 24.34
C VAL B 124 -9.13 -2.48 24.58
N GLU B 125 -9.50 -2.04 25.78
CA GLU B 125 -10.89 -1.95 26.19
C GLU B 125 -11.40 -0.52 26.29
N PHE B 126 -12.66 -0.35 25.95
CA PHE B 126 -13.35 0.93 26.07
C PHE B 126 -14.46 0.61 27.05
N ASP B 127 -14.20 0.93 28.31
CA ASP B 127 -14.93 0.38 29.45
C ASP B 127 -15.88 1.43 29.99
N THR B 128 -17.18 1.18 29.84
CA THR B 128 -18.20 2.17 30.20
C THR B 128 -18.85 1.96 31.60
N PHE B 129 -18.46 0.90 32.31
CA PHE B 129 -19.05 0.56 33.62
C PHE B 129 -17.99 0.13 34.63
N LYS B 130 -18.05 0.75 35.81
CA LYS B 130 -17.13 0.47 36.89
C LYS B 130 -17.48 -0.82 37.67
N ASN B 131 -16.71 -1.87 37.40
CA ASN B 131 -16.72 -3.11 38.18
C ASN B 131 -15.79 -3.00 39.39
N SER B 132 -15.82 -3.98 40.27
CA SER B 132 -14.97 -3.99 41.48
C SER B 132 -13.47 -3.79 41.20
N TRP B 133 -13.00 -4.36 40.08
CA TRP B 133 -11.57 -4.31 39.67
C TRP B 133 -11.15 -3.05 38.89
N ASP B 134 -12.12 -2.20 38.53
CA ASP B 134 -11.88 -1.04 37.66
C ASP B 134 -11.52 0.19 38.43
N PRO B 135 -10.77 1.11 37.81
CA PRO B 135 -10.60 2.43 38.42
C PRO B 135 -11.89 3.25 38.31
N GLU B 136 -11.93 4.36 39.01
CA GLU B 136 -13.10 5.25 38.99
C GLU B 136 -13.23 5.90 37.61
N GLY B 137 -14.46 5.98 37.12
CA GLY B 137 -14.74 6.67 35.84
C GLY B 137 -14.61 5.77 34.65
N THR B 138 -15.30 6.12 33.56
CA THR B 138 -15.19 5.42 32.29
C THR B 138 -13.75 5.56 31.78
N HIS B 139 -13.21 4.52 31.16
CA HIS B 139 -11.78 4.50 30.86
C HIS B 139 -11.43 3.60 29.69
N ILE B 140 -10.22 3.83 29.17
CA ILE B 140 -9.63 2.99 28.17
C ILE B 140 -8.50 2.25 28.86
N GLY B 141 -8.37 0.97 28.55
CA GLY B 141 -7.34 0.15 29.17
C GLY B 141 -6.61 -0.76 28.20
N ILE B 142 -5.34 -1.01 28.50
CA ILE B 142 -4.59 -2.07 27.88
C ILE B 142 -4.58 -3.28 28.84
N ASN B 143 -5.01 -4.41 28.32
CA ASN B 143 -5.26 -5.63 29.08
C ASN B 143 -4.41 -6.76 28.52
N VAL B 144 -3.68 -7.43 29.41
CA VAL B 144 -2.86 -8.58 29.08
C VAL B 144 -3.25 -9.71 30.01
N ASN B 145 -3.88 -10.75 29.46
CA ASN B 145 -4.28 -11.95 30.20
C ASN B 145 -5.22 -11.73 31.39
N SER B 146 -5.94 -10.61 31.43
CA SER B 146 -6.80 -10.31 32.57
C SER B 146 -7.72 -9.15 32.24
N ILE B 147 -8.92 -9.17 32.80
CA ILE B 147 -9.81 -8.02 32.74
C ILE B 147 -9.28 -6.84 33.56
N VAL B 148 -8.38 -7.10 34.51
CA VAL B 148 -7.77 -6.02 35.28
C VAL B 148 -6.66 -5.41 34.43
N SER B 149 -6.89 -4.20 33.92
CA SER B 149 -5.97 -3.57 32.96
C SER B 149 -4.60 -3.34 33.57
N ARG B 150 -3.59 -3.55 32.74
CA ARG B 150 -2.21 -3.23 33.05
C ARG B 150 -2.01 -1.71 33.17
N LYS B 151 -2.77 -0.94 32.40
CA LYS B 151 -2.67 0.51 32.39
C LYS B 151 -3.98 1.09 31.87
N THR B 152 -4.37 2.24 32.42
CA THR B 152 -5.61 2.88 32.03
C THR B 152 -5.44 4.37 31.95
N ILE B 153 -6.37 5.01 31.23
CA ILE B 153 -6.54 6.45 31.22
C ILE B 153 -8.01 6.77 31.27
N SER B 154 -8.29 7.97 31.76
CA SER B 154 -9.62 8.50 31.80
C SER B 154 -10.11 8.74 30.35
N TRP B 155 -11.39 8.43 30.11
CA TRP B 155 -12.02 8.62 28.79
C TRP B 155 -13.46 8.96 29.02
N ASP B 156 -13.91 10.11 28.52
CA ASP B 156 -15.30 10.50 28.64
C ASP B 156 -16.03 10.01 27.38
N LEU B 157 -16.95 9.08 27.58
CA LEU B 157 -17.84 8.62 26.53
C LEU B 157 -18.65 9.78 25.97
N GLU B 158 -18.57 10.00 24.66
CA GLU B 158 -19.43 10.96 23.98
C GLU B 158 -20.52 10.16 23.29
N ASN B 159 -21.71 10.27 23.86
CA ASN B 159 -22.81 9.39 23.56
C ASN B 159 -23.28 9.57 22.13
N ASP B 160 -23.41 8.45 21.42
CA ASP B 160 -23.84 8.43 20.02
C ASP B 160 -22.95 9.20 19.02
N GLU B 161 -21.71 9.52 19.40
CA GLU B 161 -20.73 10.16 18.50
C GLU B 161 -19.74 9.13 17.98
N VAL B 162 -19.25 9.37 16.77
CA VAL B 162 -18.28 8.47 16.14
C VAL B 162 -16.91 8.61 16.80
N ALA B 163 -16.34 7.50 17.28
CA ALA B 163 -14.98 7.48 17.82
C ALA B 163 -14.07 6.80 16.81
N ASN B 164 -12.96 7.46 16.48
CA ASN B 164 -11.92 6.93 15.58
C ASN B 164 -10.75 6.41 16.42
N VAL B 165 -10.51 5.10 16.38
CA VAL B 165 -9.46 4.45 17.13
C VAL B 165 -8.31 3.99 16.21
N VAL B 166 -7.08 4.15 16.68
CA VAL B 166 -5.92 3.51 16.07
C VAL B 166 -5.16 2.77 17.17
N ILE B 167 -4.79 1.53 16.90
CA ILE B 167 -4.00 0.73 17.81
C ILE B 167 -2.82 0.19 17.02
N SER B 168 -1.63 0.29 17.58
CA SER B 168 -0.44 -0.19 16.87
C SER B 168 0.54 -0.86 17.80
N TYR B 169 1.31 -1.78 17.23
CA TYR B 169 2.34 -2.48 17.95
C TYR B 169 3.65 -2.32 17.23
N GLN B 170 4.64 -1.79 17.95
CA GLN B 170 6.01 -1.63 17.46
C GLN B 170 6.84 -2.72 18.18
N ALA B 171 7.23 -3.76 17.45
CA ALA B 171 7.98 -4.89 18.01
C ALA B 171 9.37 -4.53 18.54
N SER B 172 10.09 -3.60 17.90
CA SER B 172 11.44 -3.26 18.35
C SER B 172 11.50 -2.64 19.74
N THR B 173 10.44 -1.92 20.13
CA THR B 173 10.33 -1.35 21.48
C THR B 173 9.29 -2.05 22.34
N LYS B 174 8.70 -3.12 21.82
CA LYS B 174 7.62 -3.86 22.48
C LYS B 174 6.45 -2.99 22.97
N THR B 175 6.10 -1.97 22.18
CA THR B 175 5.16 -0.94 22.62
C THR B 175 3.82 -1.04 21.89
N LEU B 176 2.76 -1.13 22.69
CA LEU B 176 1.40 -1.10 22.19
C LEU B 176 0.82 0.29 22.44
N THR B 177 0.33 0.93 21.39
CA THR B 177 -0.24 2.28 21.52
C THR B 177 -1.68 2.26 21.08
N ALA B 178 -2.51 3.01 21.76
CA ALA B 178 -3.93 3.08 21.43
C ALA B 178 -4.37 4.53 21.55
N SER B 179 -5.05 5.01 20.52
CA SER B 179 -5.58 6.35 20.51
C SER B 179 -7.05 6.34 20.16
N LEU B 180 -7.77 7.34 20.67
CA LEU B 180 -9.17 7.55 20.34
C LEU B 180 -9.37 9.04 20.12
N VAL B 181 -10.04 9.39 19.03
CA VAL B 181 -10.35 10.77 18.68
C VAL B 181 -11.86 10.86 18.42
N TYR B 182 -12.49 11.91 18.94
CA TYR B 182 -13.85 12.27 18.57
C TYR B 182 -13.76 13.51 17.72
N PRO B 183 -13.89 13.38 16.38
CA PRO B 183 -13.81 14.59 15.55
C PRO B 183 -14.93 15.62 15.81
N SER B 184 -16.11 15.16 16.18
CA SER B 184 -17.26 16.03 16.48
C SER B 184 -16.98 17.09 17.55
N SER B 185 -16.26 16.72 18.60
CA SER B 185 -15.91 17.64 19.70
C SER B 185 -14.42 18.00 19.79
N SER B 186 -13.61 17.53 18.85
CA SER B 186 -12.16 17.71 18.85
C SER B 186 -11.48 17.23 20.16
N THR B 187 -11.95 16.11 20.69
CA THR B 187 -11.42 15.55 21.91
C THR B 187 -10.60 14.32 21.53
N SER B 188 -9.51 14.06 22.24
CA SER B 188 -8.67 12.92 21.89
C SER B 188 -7.96 12.35 23.09
N TYR B 189 -7.61 11.06 22.97
CA TYR B 189 -7.03 10.28 24.07
C TYR B 189 -5.94 9.35 23.54
N ILE B 190 -4.94 9.10 24.37
CA ILE B 190 -3.87 8.21 23.98
C ILE B 190 -3.23 7.53 25.16
N LEU B 191 -2.80 6.29 24.98
CA LEU B 191 -1.92 5.66 25.93
C LEU B 191 -1.13 4.57 25.27
N ASN B 192 -0.05 4.19 25.93
CA ASN B 192 0.77 3.13 25.46
C ASN B 192 1.48 2.44 26.61
N ASP B 193 1.86 1.19 26.38
CA ASP B 193 2.54 0.39 27.37
C ASP B 193 3.40 -0.68 26.75
N VAL B 194 4.40 -1.13 27.51
CA VAL B 194 5.21 -2.29 27.12
C VAL B 194 4.38 -3.57 27.25
N VAL B 195 4.30 -4.30 26.15
CA VAL B 195 3.64 -5.60 26.06
C VAL B 195 4.53 -6.48 25.18
N ASP B 196 4.93 -7.64 25.68
CA ASP B 196 5.79 -8.52 24.89
C ASP B 196 4.96 -9.60 24.24
N LEU B 197 4.57 -9.41 22.99
CA LEU B 197 3.64 -10.34 22.31
C LEU B 197 4.11 -11.79 22.22
N LYS B 198 5.41 -11.96 22.05
CA LYS B 198 6.04 -13.29 22.01
C LYS B 198 5.82 -14.09 23.32
N GLN B 199 5.87 -13.43 24.47
CA GLN B 199 5.60 -14.08 25.75
C GLN B 199 4.10 -14.39 25.97
N ILE B 200 3.21 -13.57 25.43
CA ILE B 200 1.79 -13.63 25.74
C ILE B 200 0.99 -14.48 24.77
N LEU B 201 1.22 -14.32 23.48
CA LEU B 201 0.32 -14.86 22.47
C LEU B 201 0.96 -16.01 21.75
N PRO B 202 0.16 -16.91 21.19
CA PRO B 202 0.73 -17.91 20.28
C PRO B 202 1.17 -17.28 18.94
N GLU B 203 1.82 -18.07 18.11
CA GLU B 203 2.41 -17.59 16.88
C GLU B 203 1.33 -17.06 15.93
N TYR B 204 0.20 -17.74 15.89
CA TYR B 204 -0.94 -17.32 15.12
C TYR B 204 -2.07 -16.92 16.03
N VAL B 205 -2.73 -15.82 15.70
CA VAL B 205 -3.87 -15.36 16.49
C VAL B 205 -5.00 -15.00 15.57
N ARG B 206 -6.20 -14.86 16.15
CA ARG B 206 -7.25 -14.11 15.50
C ARG B 206 -7.41 -12.76 16.16
N VAL B 207 -7.87 -11.80 15.37
CA VAL B 207 -8.05 -10.43 15.84
C VAL B 207 -9.47 -10.01 15.58
N GLY B 208 -9.98 -9.14 16.44
CA GLY B 208 -11.30 -8.59 16.23
C GLY B 208 -11.85 -7.86 17.42
N PHE B 209 -13.18 -7.84 17.49
CA PHE B 209 -13.90 -7.05 18.47
C PHE B 209 -14.80 -7.91 19.32
N THR B 210 -15.07 -7.40 20.51
CA THR B 210 -16.06 -7.96 21.39
C THR B 210 -16.77 -6.84 22.11
N ALA B 211 -18.04 -7.05 22.41
CA ALA B 211 -18.78 -6.08 23.23
C ALA B 211 -19.90 -6.75 24.01
N ALA B 212 -20.29 -6.10 25.08
CA ALA B 212 -21.28 -6.61 26.00
C ALA B 212 -22.11 -5.47 26.55
N SER B 213 -23.43 -5.65 26.55
CA SER B 213 -24.34 -4.75 27.29
C SER B 213 -24.45 -5.26 28.73
N GLY B 214 -24.95 -4.41 29.61
CA GLY B 214 -25.03 -4.73 31.05
C GLY B 214 -25.98 -5.87 31.40
N LEU B 215 -25.77 -6.44 32.60
CA LEU B 215 -26.53 -7.58 33.10
C LEU B 215 -27.82 -7.26 33.85
N SER B 216 -28.20 -5.97 33.92
CA SER B 216 -29.53 -5.53 34.36
C SER B 216 -30.18 -4.72 33.23
N LYS B 217 -31.52 -4.74 33.19
CA LYS B 217 -32.28 -4.13 32.07
C LYS B 217 -32.10 -2.63 31.86
N ASP B 218 -31.76 -1.89 32.91
CA ASP B 218 -31.58 -0.45 32.85
C ASP B 218 -30.12 0.01 32.54
N HIS B 219 -29.18 -0.94 32.49
CA HIS B 219 -27.77 -0.66 32.19
C HIS B 219 -27.36 -1.20 30.80
N VAL B 220 -27.72 -0.47 29.76
CA VAL B 220 -27.59 -0.95 28.40
C VAL B 220 -27.00 0.12 27.49
N GLU B 221 -26.40 -0.34 26.40
CA GLU B 221 -25.94 0.53 25.33
C GLU B 221 -25.74 -0.29 24.07
N THR B 222 -25.77 0.38 22.93
CA THR B 222 -25.38 -0.24 21.66
C THR B 222 -23.86 -0.21 21.54
N HIS B 223 -23.32 -1.09 20.71
CA HIS B 223 -21.91 -1.11 20.33
C HIS B 223 -21.79 -1.48 18.85
N ASP B 224 -21.64 -0.46 18.00
CA ASP B 224 -21.54 -0.65 16.56
C ASP B 224 -20.15 -0.28 16.04
N VAL B 225 -19.54 -1.15 15.26
CA VAL B 225 -18.32 -0.82 14.54
C VAL B 225 -18.71 -0.45 13.11
N LEU B 226 -18.26 0.71 12.64
CA LEU B 226 -18.64 1.23 11.32
C LEU B 226 -17.62 0.93 10.23
N ALA B 227 -16.35 0.73 10.62
CA ALA B 227 -15.27 0.53 9.65
C ALA B 227 -14.05 0.00 10.36
N TRP B 228 -13.20 -0.72 9.62
CA TRP B 228 -12.08 -1.43 10.21
C TRP B 228 -11.00 -1.69 9.15
N THR B 229 -9.78 -1.21 9.41
CA THR B 229 -8.61 -1.64 8.65
C THR B 229 -7.62 -2.33 9.58
N PHE B 230 -6.89 -3.30 9.02
CA PHE B 230 -5.84 -4.02 9.77
C PHE B 230 -4.65 -4.28 8.87
N ASP B 231 -3.47 -4.09 9.41
CA ASP B 231 -2.21 -4.36 8.71
C ASP B 231 -1.21 -4.98 9.64
N SER B 232 -0.62 -6.12 9.25
CA SER B 232 0.46 -6.70 10.00
C SER B 232 1.61 -7.02 9.09
N ASP B 233 2.82 -6.98 9.65
CA ASP B 233 4.04 -7.22 8.88
C ASP B 233 4.99 -8.00 9.79
N LEU B 234 5.18 -9.28 9.49
CA LEU B 234 6.17 -10.12 10.15
C LEU B 234 7.46 -10.08 9.30
N PRO B 235 8.48 -9.35 9.77
CA PRO B 235 9.65 -9.16 8.93
C PRO B 235 10.57 -10.38 8.83
N ASP B 236 11.47 -10.30 7.87
CA ASP B 236 12.61 -11.23 7.75
C ASP B 236 13.53 -11.10 8.98
N PRO B 237 14.21 -12.20 9.33
CA PRO B 237 15.08 -12.21 10.51
C PRO B 237 16.22 -11.22 10.47
N SER B 238 16.62 -10.74 11.64
CA SER B 238 17.74 -9.83 11.85
C SER B 238 17.61 -8.52 11.08
N LYS C 1 -8.69 10.87 -9.07
CA LYS C 1 -7.98 10.51 -7.80
C LYS C 1 -6.48 10.68 -7.98
N GLU C 2 -5.85 11.30 -7.00
CA GLU C 2 -4.41 11.55 -7.04
C GLU C 2 -3.84 11.19 -5.69
N THR C 3 -2.79 10.39 -5.67
CA THR C 3 -2.08 10.11 -4.42
C THR C 3 -0.60 10.39 -4.59
N THR C 4 0.03 10.81 -3.49
CA THR C 4 1.45 10.94 -3.39
C THR C 4 1.91 10.29 -2.12
N SER C 5 2.99 9.51 -2.21
CA SER C 5 3.60 9.03 -0.99
C SER C 5 5.08 8.78 -1.09
N PHE C 6 5.71 8.81 0.07
CA PHE C 6 7.14 8.54 0.16
C PHE C 6 7.53 8.06 1.52
N VAL C 7 8.62 7.30 1.56
CA VAL C 7 9.14 6.74 2.80
C VAL C 7 10.64 6.91 2.84
N PHE C 8 11.15 7.47 3.93
CA PHE C 8 12.57 7.46 4.22
C PHE C 8 12.71 6.81 5.59
N THR C 9 13.22 5.59 5.68
CA THR C 9 13.58 4.99 6.99
C THR C 9 14.94 5.48 7.47
N ARG C 10 15.70 6.08 6.58
CA ARG C 10 16.93 6.80 6.89
C ARG C 10 17.14 7.76 5.67
N PHE C 11 18.02 8.75 5.83
CA PHE C 11 18.32 9.70 4.78
C PHE C 11 19.69 9.50 4.14
N SER C 12 19.81 9.73 2.84
CA SER C 12 21.12 9.66 2.17
C SER C 12 21.68 11.06 1.93
N PRO C 13 23.01 11.20 1.92
CA PRO C 13 23.59 12.55 1.76
C PRO C 13 23.35 13.12 0.39
N ASP C 14 23.26 14.44 0.28
CA ASP C 14 22.83 15.12 -0.98
C ASP C 14 21.53 14.52 -1.57
N PRO C 15 20.42 14.63 -0.82
CA PRO C 15 19.16 14.04 -1.26
C PRO C 15 18.49 14.93 -2.30
N GLN C 16 18.58 14.54 -3.56
CA GLN C 16 18.02 15.33 -4.66
C GLN C 16 16.49 15.40 -4.72
N ASN C 17 15.77 14.52 -4.02
CA ASN C 17 14.31 14.65 -3.87
C ASN C 17 13.89 15.42 -2.59
N LEU C 18 14.84 16.04 -1.89
CA LEU C 18 14.54 16.93 -0.78
C LEU C 18 15.11 18.31 -1.06
N LEU C 19 14.33 19.33 -0.75
CA LEU C 19 14.78 20.71 -0.82
C LEU C 19 15.29 21.09 0.55
N LEU C 20 16.61 21.12 0.72
CA LEU C 20 17.22 21.53 1.98
C LEU C 20 17.41 23.05 1.98
N GLN C 21 16.97 23.70 3.04
CA GLN C 21 16.98 25.16 3.15
C GLN C 21 17.64 25.54 4.47
N GLY C 22 18.33 26.69 4.49
CA GLY C 22 19.10 27.11 5.67
C GLY C 22 20.24 26.15 5.98
N ASP C 23 20.39 25.80 7.26
CA ASP C 23 21.55 25.05 7.74
C ASP C 23 21.44 23.53 7.57
N THR C 24 20.35 23.03 6.99
CA THR C 24 20.07 21.61 7.01
C THR C 24 21.16 20.80 6.25
N VAL C 25 21.63 19.72 6.89
CA VAL C 25 22.42 18.72 6.18
C VAL C 25 21.85 17.32 6.48
N VAL C 26 22.22 16.37 5.64
CA VAL C 26 22.10 14.97 5.99
C VAL C 26 23.47 14.48 6.47
N THR C 27 23.50 13.86 7.65
CA THR C 27 24.73 13.34 8.22
C THR C 27 25.06 12.03 7.54
N SER C 28 26.29 11.55 7.75
CA SER C 28 26.70 10.24 7.19
C SER C 28 25.98 9.07 7.87
N SER C 29 25.58 9.25 9.14
CA SER C 29 24.73 8.28 9.82
C SER C 29 23.25 8.29 9.36
N GLY C 30 22.91 9.15 8.41
CA GLY C 30 21.61 9.17 7.79
C GLY C 30 20.50 9.94 8.47
N HIS C 31 20.87 10.90 9.30
CA HIS C 31 19.90 11.76 10.00
C HIS C 31 19.73 13.05 9.21
N LEU C 32 18.53 13.62 9.29
CA LEU C 32 18.28 14.92 8.73
C LEU C 32 18.56 15.92 9.84
N GLN C 33 19.68 16.61 9.73
CA GLN C 33 20.17 17.50 10.80
C GLN C 33 19.75 18.91 10.49
N LEU C 34 18.67 19.37 11.14
CA LEU C 34 18.06 20.62 10.75
C LEU C 34 18.85 21.84 11.24
N THR C 35 19.30 21.82 12.49
CA THR C 35 20.13 22.90 13.01
C THR C 35 21.59 22.45 13.12
N GLN C 36 22.51 23.40 12.96
CA GLN C 36 23.95 23.12 12.86
C GLN C 36 24.56 22.54 14.15
N VAL C 37 25.51 21.63 13.97
CA VAL C 37 26.25 20.98 15.05
C VAL C 37 27.75 21.13 14.78
N LYS C 38 28.49 21.61 15.76
CA LYS C 38 29.93 21.94 15.62
C LYS C 38 30.67 21.39 16.84
N ASP C 39 31.64 20.50 16.61
CA ASP C 39 32.42 19.84 17.67
C ASP C 39 31.51 19.08 18.65
N GLY C 40 30.55 18.35 18.11
CA GLY C 40 29.56 17.60 18.90
C GLY C 40 28.47 18.38 19.62
N GLU C 41 28.44 19.71 19.48
CA GLU C 41 27.54 20.58 20.26
C GLU C 41 26.66 21.43 19.32
N PRO C 42 25.41 21.71 19.73
CA PRO C 42 24.56 22.54 18.91
C PRO C 42 25.01 24.00 18.88
N VAL C 43 24.86 24.61 17.71
CA VAL C 43 25.20 26.00 17.47
C VAL C 43 23.94 26.85 17.57
N TYR C 44 24.09 28.04 18.15
CA TYR C 44 22.99 28.94 18.34
C TYR C 44 22.66 29.67 17.04
N SER C 45 21.50 30.32 17.03
CA SER C 45 21.03 31.12 15.91
C SER C 45 21.07 30.34 14.59
N SER C 46 20.71 29.07 14.66
CA SER C 46 20.70 28.17 13.52
C SER C 46 19.26 27.90 13.12
N LEU C 47 19.05 27.81 11.81
CA LEU C 47 17.73 27.61 11.25
C LEU C 47 17.87 26.69 10.07
N GLY C 48 17.12 25.60 10.09
CA GLY C 48 17.09 24.67 8.96
C GLY C 48 15.72 24.17 8.66
N ARG C 49 15.48 23.91 7.37
CA ARG C 49 14.25 23.28 6.93
C ARG C 49 14.57 22.25 5.86
N ALA C 50 13.57 21.41 5.57
CA ALA C 50 13.70 20.35 4.61
C ALA C 50 12.29 20.03 4.09
N LEU C 51 12.13 20.02 2.77
CA LEU C 51 10.84 19.84 2.16
C LEU C 51 10.92 18.75 1.09
N TYR C 52 9.84 17.97 0.93
CA TYR C 52 9.81 17.04 -0.19
C TYR C 52 9.76 17.85 -1.48
N TYR C 53 10.50 17.41 -2.49
CA TYR C 53 10.71 18.22 -3.69
C TYR C 53 9.41 18.42 -4.50
N ALA C 54 8.60 17.38 -4.65
CA ALA C 54 7.37 17.51 -5.41
C ALA C 54 6.27 18.21 -4.61
N PRO C 55 5.59 19.17 -5.24
CA PRO C 55 4.36 19.69 -4.69
C PRO C 55 3.33 18.60 -4.43
N ILE C 56 2.57 18.77 -3.35
CA ILE C 56 1.47 17.86 -3.00
C ILE C 56 0.16 18.56 -3.40
N HIS C 57 -0.69 17.85 -4.13
CA HIS C 57 -2.03 18.33 -4.47
C HIS C 57 -2.97 18.08 -3.30
N ILE C 58 -3.19 19.09 -2.45
CA ILE C 58 -4.04 18.88 -1.27
C ILE C 58 -5.50 19.28 -1.44
N TRP C 59 -5.83 20.07 -2.45
CA TRP C 59 -7.22 20.27 -2.83
C TRP C 59 -7.37 20.75 -4.27
N ASP C 60 -8.55 20.53 -4.84
CA ASP C 60 -8.79 20.83 -6.25
C ASP C 60 -10.00 21.75 -6.32
N SER C 61 -9.82 22.93 -6.91
CA SER C 61 -10.89 23.94 -6.98
C SER C 61 -11.93 23.60 -8.04
N ASN C 62 -11.54 22.89 -9.11
CA ASN C 62 -12.48 22.39 -10.13
C ASN C 62 -13.54 21.45 -9.52
N THR C 63 -13.07 20.39 -8.86
CA THR C 63 -13.94 19.37 -8.29
C THR C 63 -14.35 19.61 -6.84
N ASP C 64 -13.81 20.66 -6.21
CA ASP C 64 -14.10 20.97 -4.79
C ASP C 64 -13.89 19.77 -3.82
N THR C 65 -12.85 18.97 -4.08
CA THR C 65 -12.42 17.89 -3.19
C THR C 65 -11.19 18.33 -2.40
N VAL C 66 -11.04 17.77 -1.22
CA VAL C 66 -9.90 18.03 -0.35
C VAL C 66 -9.27 16.69 0.00
N ALA C 67 -7.94 16.69 0.08
CA ALA C 67 -7.19 15.48 0.35
C ALA C 67 -7.18 15.13 1.81
N ASN C 68 -7.11 13.83 2.09
CA ASN C 68 -6.64 13.33 3.37
C ASN C 68 -5.12 13.16 3.28
N PHE C 69 -4.45 13.29 4.41
CA PHE C 69 -3.07 12.84 4.47
C PHE C 69 -2.72 12.32 5.83
N VAL C 70 -1.67 11.52 5.87
CA VAL C 70 -1.08 11.04 7.11
C VAL C 70 0.41 11.07 6.91
N THR C 71 1.12 11.60 7.90
CA THR C 71 2.56 11.56 7.93
C THR C 71 3.05 11.01 9.24
N SER C 72 4.16 10.30 9.19
CA SER C 72 4.79 9.85 10.44
C SER C 72 6.25 10.22 10.40
N PHE C 73 6.81 10.55 11.55
CA PHE C 73 8.24 10.76 11.62
C PHE C 73 8.78 10.53 13.02
N SER C 74 10.08 10.25 13.07
CA SER C 74 10.80 10.11 14.31
C SER C 74 11.83 11.23 14.41
N PHE C 75 11.87 11.88 15.56
CA PHE C 75 12.84 12.93 15.77
C PHE C 75 13.47 12.84 17.14
N VAL C 76 14.61 13.54 17.27
CA VAL C 76 15.33 13.67 18.53
C VAL C 76 15.71 15.13 18.70
N ILE C 77 15.45 15.64 19.90
CA ILE C 77 15.97 16.92 20.37
C ILE C 77 16.90 16.66 21.54
N ASP C 78 18.16 17.09 21.40
CA ASP C 78 19.16 16.99 22.47
C ASP C 78 19.63 18.39 22.90
N ALA C 79 19.13 18.83 24.05
CA ALA C 79 19.58 20.07 24.70
C ALA C 79 20.68 19.76 25.72
N PRO C 80 21.90 20.34 25.57
CA PRO C 80 22.93 20.17 26.61
C PRO C 80 22.47 20.60 28.02
N ASN C 81 21.65 21.64 28.09
CA ASN C 81 21.01 22.07 29.32
C ASN C 81 19.51 22.20 29.07
N LYS C 82 18.75 21.30 29.71
CA LYS C 82 17.32 21.17 29.44
C LYS C 82 16.48 22.41 29.79
N ALA C 83 16.83 23.06 30.90
CA ALA C 83 16.15 24.31 31.32
C ALA C 83 16.34 25.47 30.35
N LYS C 84 17.42 25.44 29.57
CA LYS C 84 17.70 26.45 28.54
C LYS C 84 17.54 25.88 27.13
N ALA C 85 16.53 25.02 26.92
CA ALA C 85 16.24 24.48 25.60
C ALA C 85 15.55 25.55 24.74
N ALA C 86 15.96 25.66 23.47
CA ALA C 86 15.26 26.50 22.48
C ALA C 86 15.66 26.13 21.05
N ASP C 87 14.86 26.44 20.01
CA ASP C 87 13.49 26.94 20.09
C ASP C 87 12.38 25.91 19.77
N GLY C 88 12.71 24.96 18.90
CA GLY C 88 11.81 23.88 18.59
C GLY C 88 11.89 23.39 17.17
N LEU C 89 10.93 22.52 16.85
CA LEU C 89 10.81 21.88 15.57
C LEU C 89 9.34 21.92 15.18
N ALA C 90 9.08 21.96 13.88
CA ALA C 90 7.71 21.86 13.37
C ALA C 90 7.62 21.11 12.03
N PHE C 91 6.50 20.41 11.87
CA PHE C 91 6.09 19.87 10.57
C PHE C 91 5.10 20.89 10.00
N PHE C 92 5.22 21.18 8.71
CA PHE C 92 4.34 22.18 8.11
C PHE C 92 3.98 21.92 6.66
N LEU C 93 2.90 22.58 6.25
CA LEU C 93 2.46 22.66 4.87
C LEU C 93 2.44 24.13 4.51
N ALA C 94 2.89 24.47 3.32
CA ALA C 94 3.09 25.85 2.93
C ALA C 94 3.08 25.95 1.42
N PRO C 95 3.01 27.19 0.87
CA PRO C 95 3.01 27.31 -0.59
C PRO C 95 4.26 26.74 -1.20
N VAL C 96 4.16 26.32 -2.46
CA VAL C 96 5.26 25.64 -3.14
C VAL C 96 6.58 26.43 -3.12
N ASP C 97 6.51 27.74 -3.31
CA ASP C 97 7.70 28.62 -3.30
C ASP C 97 8.17 29.05 -1.89
N THR C 98 7.70 28.39 -0.83
CA THR C 98 8.05 28.75 0.53
C THR C 98 9.56 28.86 0.76
N GLU C 99 9.96 29.88 1.50
CA GLU C 99 11.35 30.14 1.85
C GLU C 99 11.49 30.32 3.35
N PRO C 100 12.68 30.05 3.93
CA PRO C 100 12.86 30.26 5.38
C PRO C 100 12.58 31.71 5.81
N GLN C 101 11.93 31.88 6.95
CA GLN C 101 11.60 33.18 7.49
C GLN C 101 12.50 33.45 8.70
N LYS C 102 11.96 33.99 9.80
CA LYS C 102 12.80 34.45 10.89
C LYS C 102 13.26 33.28 11.73
N PRO C 103 14.49 33.34 12.24
CA PRO C 103 14.96 32.31 13.13
C PRO C 103 14.33 32.39 14.52
N GLY C 104 14.86 31.64 15.47
CA GLY C 104 14.40 31.73 16.85
C GLY C 104 13.01 31.14 17.04
N GLY C 105 12.22 31.79 17.91
CA GLY C 105 10.87 31.35 18.22
C GLY C 105 9.82 31.45 17.10
N LEU C 106 10.17 32.07 16.00
CA LEU C 106 9.32 32.06 14.81
C LEU C 106 9.59 30.82 13.92
N LEU C 107 10.57 30.01 14.31
CA LEU C 107 10.83 28.66 13.83
C LEU C 107 11.11 28.54 12.32
N GLY C 108 11.46 29.63 11.69
CA GLY C 108 11.64 29.64 10.24
C GLY C 108 10.37 29.68 9.45
N LEU C 109 9.22 29.85 10.11
CA LEU C 109 7.90 29.79 9.45
C LEU C 109 7.30 31.15 9.14
N PHE C 110 7.47 32.09 10.06
CA PHE C 110 6.81 33.40 9.97
C PHE C 110 7.85 34.53 10.02
N HIS C 111 7.53 35.68 9.43
CA HIS C 111 8.42 36.87 9.54
C HIS C 111 8.02 37.78 10.70
N ASP C 112 6.93 37.45 11.39
CA ASP C 112 6.49 38.19 12.57
C ASP C 112 5.56 37.32 13.41
N ASP C 113 5.08 37.85 14.53
CA ASP C 113 4.24 37.09 15.45
C ASP C 113 2.73 37.37 15.35
N ARG C 114 2.29 37.91 14.21
CA ARG C 114 0.90 38.28 14.02
C ARG C 114 0.16 37.21 13.23
N HIS C 115 -1.16 37.33 13.21
CA HIS C 115 -2.04 36.47 12.43
C HIS C 115 -2.13 37.11 11.07
N ASN C 116 -2.00 36.33 10.02
CA ASN C 116 -2.11 36.85 8.66
C ASN C 116 -2.46 35.73 7.68
N LYS C 117 -3.61 35.87 7.01
CA LYS C 117 -4.12 34.87 6.07
C LYS C 117 -3.26 34.66 4.83
N SER C 118 -2.41 35.64 4.51
CA SER C 118 -1.51 35.53 3.36
C SER C 118 -0.24 34.66 3.64
N ASN C 119 -0.04 34.24 4.89
CA ASN C 119 1.00 33.25 5.22
C ASN C 119 0.75 31.90 4.56
N HIS C 120 -0.50 31.45 4.54
CA HIS C 120 -0.87 30.13 4.01
C HIS C 120 -0.06 28.96 4.61
N ILE C 121 0.08 28.97 5.94
CA ILE C 121 0.86 27.97 6.67
C ILE C 121 -0.08 27.20 7.59
N VAL C 122 0.03 25.89 7.56
CA VAL C 122 -0.52 25.03 8.60
C VAL C 122 0.66 24.27 9.16
N ALA C 123 0.79 24.24 10.47
CA ALA C 123 1.93 23.60 11.10
C ALA C 123 1.62 22.95 12.43
N VAL C 124 2.40 21.93 12.77
CA VAL C 124 2.36 21.32 14.09
C VAL C 124 3.74 21.57 14.68
N GLU C 125 3.78 22.24 15.81
CA GLU C 125 5.02 22.66 16.44
C GLU C 125 5.35 21.88 17.72
N PHE C 126 6.63 21.65 17.94
CA PHE C 126 7.13 21.01 19.13
C PHE C 126 8.04 22.08 19.73
N ASP C 127 7.45 22.82 20.68
CA ASP C 127 7.95 24.14 21.08
C ASP C 127 8.63 24.02 22.42
N THR C 128 9.96 24.21 22.43
CA THR C 128 10.76 23.99 23.63
C THR C 128 11.09 25.26 24.44
N PHE C 129 10.65 26.44 23.97
CA PHE C 129 10.96 27.73 24.61
C PHE C 129 9.75 28.65 24.66
N LYS C 130 9.49 29.19 25.86
CA LYS C 130 8.37 30.08 26.10
C LYS C 130 8.66 31.53 25.64
N ASN C 131 8.07 31.90 24.49
CA ASN C 131 8.05 33.26 23.99
C ASN C 131 6.85 34.01 24.57
N SER C 132 6.76 35.33 24.31
CA SER C 132 5.67 36.16 24.88
C SER C 132 4.25 35.64 24.55
N TRP C 133 4.10 35.08 23.35
CA TRP C 133 2.82 34.55 22.83
C TRP C 133 2.48 33.11 23.24
N ASP C 134 3.41 32.42 23.91
CA ASP C 134 3.27 30.99 24.23
C ASP C 134 2.63 30.76 25.56
N PRO C 135 1.95 29.62 25.72
CA PRO C 135 1.52 29.23 27.06
C PRO C 135 2.72 28.75 27.89
N GLU C 136 2.50 28.58 29.19
CA GLU C 136 3.53 28.18 30.11
C GLU C 136 3.99 26.74 29.81
N GLY C 137 5.31 26.50 29.83
CA GLY C 137 5.88 25.18 29.67
C GLY C 137 6.03 24.75 28.22
N THR C 138 6.88 23.75 28.02
CA THR C 138 7.11 23.18 26.69
C THR C 138 5.81 22.54 26.21
N HIS C 139 5.51 22.65 24.90
CA HIS C 139 4.19 22.27 24.40
C HIS C 139 4.19 21.89 22.95
N ILE C 140 3.12 21.22 22.55
CA ILE C 140 2.85 20.90 21.16
C ILE C 140 1.68 21.78 20.76
N GLY C 141 1.76 22.33 19.55
CA GLY C 141 0.71 23.24 19.07
C GLY C 141 0.31 22.96 17.63
N ILE C 142 -0.96 23.23 17.34
CA ILE C 142 -1.46 23.34 15.99
C ILE C 142 -1.54 24.82 15.62
N ASN C 143 -0.90 25.19 14.53
CA ASN C 143 -0.71 26.55 14.08
C ASN C 143 -1.30 26.73 12.70
N VAL C 144 -2.14 27.77 12.57
CA VAL C 144 -2.74 28.15 11.30
C VAL C 144 -2.43 29.61 11.07
N ASN C 145 -1.60 29.90 10.08
CA ASN C 145 -1.27 31.30 9.69
C ASN C 145 -0.66 32.20 10.78
N SER C 146 -0.09 31.60 11.82
CA SER C 146 0.46 32.37 12.92
C SER C 146 1.30 31.49 13.81
N ILE C 147 2.35 32.06 14.40
CA ILE C 147 3.11 31.39 15.43
C ILE C 147 2.28 31.21 16.71
N VAL C 148 1.22 32.00 16.89
CA VAL C 148 0.36 31.86 18.05
C VAL C 148 -0.61 30.69 17.75
N SER C 149 -0.40 29.58 18.44
CA SER C 149 -1.11 28.35 18.16
C SER C 149 -2.60 28.49 18.40
N ARG C 150 -3.37 27.88 17.53
CA ARG C 150 -4.80 27.75 17.67
C ARG C 150 -5.18 26.86 18.87
N LYS C 151 -4.35 25.87 19.18
CA LYS C 151 -4.58 24.95 20.26
C LYS C 151 -3.27 24.32 20.67
N THR C 152 -3.12 24.06 21.97
CA THR C 152 -1.89 23.49 22.49
C THR C 152 -2.21 22.46 23.57
N ILE C 153 -1.22 21.61 23.82
CA ILE C 153 -1.18 20.74 24.96
C ILE C 153 0.21 20.75 25.57
N SER C 154 0.25 20.42 26.84
CA SER C 154 1.50 20.27 27.57
C SER C 154 2.26 19.07 27.00
N TRP C 155 3.59 19.20 26.89
CA TRP C 155 4.46 18.13 26.42
C TRP C 155 5.79 18.26 27.14
N ASP C 156 6.21 17.20 27.83
CA ASP C 156 7.51 17.20 28.51
C ASP C 156 8.53 16.61 27.54
N LEU C 157 9.48 17.45 27.15
CA LEU C 157 10.62 17.03 26.34
C LEU C 157 11.41 15.96 27.09
N GLU C 158 11.61 14.81 26.46
CA GLU C 158 12.50 13.79 26.99
C GLU C 158 13.78 13.87 26.21
N ASN C 159 14.80 14.38 26.88
CA ASN C 159 16.01 14.84 26.25
C ASN C 159 16.77 13.68 25.62
N ASP C 160 17.15 13.86 24.36
CA ASP C 160 17.89 12.85 23.59
C ASP C 160 17.18 11.49 23.40
N GLU C 161 15.87 11.43 23.62
CA GLU C 161 15.07 10.21 23.37
C GLU C 161 14.32 10.35 22.04
N VAL C 162 14.09 9.22 21.39
CA VAL C 162 13.38 9.17 20.11
C VAL C 162 11.89 9.44 20.32
N ALA C 163 11.35 10.43 19.63
CA ALA C 163 9.90 10.71 19.65
C ALA C 163 9.33 10.26 18.32
N ASN C 164 8.25 9.47 18.39
CA ASN C 164 7.48 9.03 17.22
C ASN C 164 6.24 9.87 17.07
N VAL C 165 6.15 10.61 15.96
CA VAL C 165 5.01 11.49 15.68
C VAL C 165 4.15 10.93 14.54
N VAL C 166 2.83 11.05 14.68
CA VAL C 166 1.90 10.85 13.55
C VAL C 166 1.00 12.08 13.48
N ILE C 167 0.85 12.64 12.27
CA ILE C 167 -0.05 13.74 12.03
C ILE C 167 -0.96 13.36 10.88
N SER C 168 -2.25 13.58 11.03
CA SER C 168 -3.19 13.22 9.98
C SER C 168 -4.28 14.25 9.81
N TYR C 169 -4.79 14.32 8.59
CA TYR C 169 -5.89 15.20 8.25
C TYR C 169 -7.02 14.38 7.66
N GLN C 170 -8.19 14.48 8.28
CA GLN C 170 -9.43 13.87 7.81
C GLN C 170 -10.31 14.99 7.23
N ALA C 171 -10.41 15.04 5.91
CA ALA C 171 -11.14 16.12 5.20
C ALA C 171 -12.65 16.15 5.50
N SER C 172 -13.29 14.99 5.64
CA SER C 172 -14.75 14.95 5.90
C SER C 172 -15.15 15.63 7.21
N THR C 173 -14.30 15.59 8.22
CA THR C 173 -14.55 16.27 9.49
C THR C 173 -13.66 17.50 9.70
N LYS C 174 -12.87 17.83 8.68
CA LYS C 174 -11.89 18.93 8.75
C LYS C 174 -10.95 18.90 9.97
N THR C 175 -10.53 17.69 10.35
CA THR C 175 -9.84 17.47 11.62
C THR C 175 -8.36 17.14 11.40
N LEU C 176 -7.50 17.91 12.05
CA LEU C 176 -6.07 17.65 12.07
C LEU C 176 -5.72 17.02 13.41
N THR C 177 -5.08 15.88 13.40
CA THR C 177 -4.69 15.18 14.62
C THR C 177 -3.20 15.03 14.65
N ALA C 178 -2.61 15.18 15.83
CA ALA C 178 -1.17 15.04 16.00
C ALA C 178 -0.92 14.28 17.27
N SER C 179 -0.08 13.24 17.18
CA SER C 179 0.31 12.46 18.34
C SER C 179 1.80 12.35 18.43
N LEU C 180 2.29 12.23 19.66
CA LEU C 180 3.71 11.99 19.94
C LEU C 180 3.80 10.90 21.01
N VAL C 181 4.65 9.92 20.77
CA VAL C 181 4.90 8.83 21.70
C VAL C 181 6.40 8.73 21.94
N TYR C 182 6.79 8.55 23.19
CA TYR C 182 8.17 8.18 23.55
C TYR C 182 8.12 6.74 23.98
N PRO C 183 8.54 5.80 23.11
CA PRO C 183 8.51 4.39 23.54
C PRO C 183 9.44 4.06 24.74
N SER C 184 10.56 4.77 24.85
CA SER C 184 11.52 4.56 25.95
C SER C 184 10.90 4.71 27.35
N SER C 185 10.03 5.69 27.53
CA SER C 185 9.35 5.92 28.83
C SER C 185 7.85 5.61 28.85
N SER C 186 7.32 5.08 27.74
CA SER C 186 5.89 4.82 27.57
C SER C 186 5.00 6.04 27.82
N THR C 187 5.44 7.20 27.38
CA THR C 187 4.72 8.45 27.56
C THR C 187 4.15 8.82 26.20
N SER C 188 2.96 9.41 26.17
CA SER C 188 2.33 9.75 24.92
C SER C 188 1.43 10.95 25.03
N TYR C 189 1.25 11.62 23.89
CA TYR C 189 0.51 12.88 23.80
C TYR C 189 -0.35 12.91 22.54
N ILE C 190 -1.47 13.60 22.61
CA ILE C 190 -2.34 13.73 21.44
C ILE C 190 -3.14 15.01 21.50
N LEU C 191 -3.36 15.62 20.35
CA LEU C 191 -4.39 16.64 20.23
C LEU C 191 -4.90 16.72 18.84
N ASN C 192 -6.06 17.36 18.70
CA ASN C 192 -6.62 17.58 17.41
C ASN C 192 -7.48 18.85 17.42
N ASP C 193 -7.67 19.40 16.24
CA ASP C 193 -8.46 20.60 16.06
C ASP C 193 -9.03 20.70 14.67
N VAL C 194 -10.12 21.45 14.54
CA VAL C 194 -10.72 21.78 13.26
C VAL C 194 -9.83 22.78 12.53
N VAL C 195 -9.44 22.40 11.31
CA VAL C 195 -8.67 23.23 10.40
C VAL C 195 -9.26 22.99 9.02
N ASP C 196 -9.67 24.05 8.32
CA ASP C 196 -10.21 23.89 6.97
C ASP C 196 -9.13 24.18 5.93
N LEU C 197 -8.49 23.14 5.42
CA LEU C 197 -7.35 23.30 4.49
C LEU C 197 -7.65 24.09 3.22
N LYS C 198 -8.86 23.93 2.71
CA LYS C 198 -9.31 24.66 1.52
C LYS C 198 -9.31 26.18 1.74
N GLN C 199 -9.68 26.65 2.92
CA GLN C 199 -9.63 28.08 3.25
C GLN C 199 -8.21 28.60 3.47
N ILE C 200 -7.30 27.77 3.98
CA ILE C 200 -5.99 28.19 4.44
C ILE C 200 -4.90 28.06 3.37
N LEU C 201 -4.86 26.95 2.67
CA LEU C 201 -3.71 26.59 1.86
C LEU C 201 -4.05 26.71 0.39
N PRO C 202 -3.04 26.95 -0.46
CA PRO C 202 -3.29 26.82 -1.90
C PRO C 202 -3.48 25.35 -2.32
N GLU C 203 -3.87 25.15 -3.57
CA GLU C 203 -4.21 23.84 -4.08
C GLU C 203 -3.01 22.88 -4.02
N TYR C 204 -1.84 23.42 -4.32
CA TYR C 204 -0.59 22.68 -4.19
C TYR C 204 0.25 23.25 -3.09
N VAL C 205 0.86 22.37 -2.30
CA VAL C 205 1.76 22.79 -1.23
C VAL C 205 3.03 21.99 -1.26
N ARG C 206 4.03 22.47 -0.55
CA ARG C 206 5.14 21.64 -0.14
C ARG C 206 5.02 21.32 1.33
N VAL C 207 5.57 20.17 1.71
CA VAL C 207 5.47 19.68 3.07
C VAL C 207 6.88 19.37 3.58
N GLY C 208 7.08 19.54 4.86
CA GLY C 208 8.34 19.21 5.45
C GLY C 208 8.52 19.71 6.87
N PHE C 209 9.79 19.92 7.22
CA PHE C 209 10.20 20.25 8.55
C PHE C 209 10.95 21.55 8.59
N THR C 210 10.90 22.18 9.75
CA THR C 210 11.71 23.32 10.07
C THR C 210 12.13 23.23 11.53
N ALA C 211 13.32 23.74 11.83
CA ALA C 211 13.74 23.86 13.23
C ALA C 211 14.70 25.01 13.41
N ALA C 212 14.76 25.48 14.65
CA ALA C 212 15.57 26.61 15.02
C ALA C 212 16.15 26.41 16.40
N SER C 213 17.45 26.67 16.57
CA SER C 213 18.06 26.80 17.88
C SER C 213 17.89 28.23 18.38
N GLY C 214 18.10 28.42 19.67
CA GLY C 214 17.88 29.74 20.30
C GLY C 214 18.82 30.85 19.84
N LEU C 215 18.39 32.09 20.08
CA LEU C 215 19.14 33.28 19.67
C LEU C 215 20.18 33.81 20.67
N SER C 216 20.40 33.09 21.77
CA SER C 216 21.54 33.32 22.67
C SER C 216 22.36 32.03 22.76
N LYS C 217 23.66 32.15 23.03
CA LYS C 217 24.60 31.01 23.00
C LYS C 217 24.31 29.88 23.98
N ASP C 218 23.66 30.18 25.10
CA ASP C 218 23.35 29.19 26.14
C ASP C 218 21.97 28.52 25.99
N HIS C 219 21.16 28.96 25.01
CA HIS C 219 19.84 28.40 24.73
C HIS C 219 19.82 27.62 23.40
N VAL C 220 20.34 26.40 23.44
CA VAL C 220 20.57 25.64 22.22
C VAL C 220 20.09 24.21 22.37
N GLU C 221 19.80 23.59 21.23
CA GLU C 221 19.50 22.16 21.15
C GLU C 221 19.68 21.69 19.73
N THR C 222 19.90 20.39 19.56
CA THR C 222 19.90 19.76 18.25
C THR C 222 18.45 19.47 17.87
N HIS C 223 18.22 19.32 16.56
CA HIS C 223 16.93 18.88 16.01
C HIS C 223 17.19 17.94 14.82
N ASP C 224 17.15 16.63 15.07
CA ASP C 224 17.39 15.64 14.04
C ASP C 224 16.11 14.85 13.72
N VAL C 225 15.79 14.73 12.44
CA VAL C 225 14.74 13.81 12.01
C VAL C 225 15.42 12.53 11.52
N LEU C 226 14.98 11.37 12.05
CA LEU C 226 15.57 10.07 11.70
C LEU C 226 14.86 9.33 10.58
N ALA C 227 13.58 9.60 10.40
CA ALA C 227 12.74 8.85 9.46
C ALA C 227 11.44 9.58 9.23
N TRP C 228 10.83 9.35 8.06
CA TRP C 228 9.71 10.13 7.60
C TRP C 228 8.94 9.35 6.54
N THR C 229 7.64 9.12 6.80
CA THR C 229 6.72 8.68 5.75
C THR C 229 5.63 9.74 5.54
N PHE C 230 5.15 9.83 4.31
CA PHE C 230 4.05 10.75 3.97
C PHE C 230 3.12 10.09 2.98
N ASP C 231 1.83 10.25 3.19
CA ASP C 231 0.79 9.75 2.29
C ASP C 231 -0.31 10.76 2.14
N SER C 232 -0.66 11.10 0.92
CA SER C 232 -1.83 11.93 0.68
C SER C 232 -2.71 11.31 -0.37
N ASP C 233 -4.00 11.57 -0.27
CA ASP C 233 -5.00 10.99 -1.17
C ASP C 233 -6.04 12.08 -1.45
N LEU C 234 -6.03 12.63 -2.66
CA LEU C 234 -7.06 13.53 -3.13
C LEU C 234 -8.12 12.72 -3.89
N PRO C 235 -9.28 12.50 -3.26
CA PRO C 235 -10.26 11.60 -3.88
C PRO C 235 -10.99 12.20 -5.08
N ASP C 236 -11.66 11.32 -5.80
CA ASP C 236 -12.63 11.70 -6.84
C ASP C 236 -13.79 12.47 -6.20
N PRO C 237 -14.42 13.37 -6.99
CA PRO C 237 -15.59 14.11 -6.48
C PRO C 237 -16.78 13.18 -6.12
N SER C 238 -17.59 13.63 -5.18
CA SER C 238 -18.58 12.77 -4.54
C SER C 238 -19.91 13.49 -4.37
N LYS D 1 16.06 2.45 3.70
CA LYS D 1 14.95 2.18 2.73
C LYS D 1 14.31 3.49 2.28
N GLU D 2 14.11 3.62 0.99
CA GLU D 2 13.48 4.79 0.40
C GLU D 2 12.45 4.34 -0.59
N THR D 3 11.23 4.83 -0.46
CA THR D 3 10.20 4.55 -1.47
C THR D 3 9.60 5.84 -1.98
N THR D 4 9.22 5.84 -3.25
CA THR D 4 8.45 6.89 -3.86
C THR D 4 7.28 6.28 -4.60
N SER D 5 6.11 6.87 -4.44
CA SER D 5 5.02 6.49 -5.29
C SER D 5 3.99 7.58 -5.53
N PHE D 6 3.28 7.42 -6.63
CA PHE D 6 2.22 8.33 -6.99
C PHE D 6 1.21 7.66 -7.88
N VAL D 7 -0.01 8.19 -7.84
CA VAL D 7 -1.12 7.68 -8.64
C VAL D 7 -1.87 8.85 -9.22
N PHE D 8 -2.11 8.80 -10.53
CA PHE D 8 -3.06 9.71 -11.19
C PHE D 8 -4.04 8.83 -11.93
N THR D 9 -5.29 8.75 -11.45
CA THR D 9 -6.35 8.06 -12.23
C THR D 9 -6.92 8.96 -13.33
N ARG D 10 -6.65 10.26 -13.21
CA ARG D 10 -6.82 11.21 -14.29
C ARG D 10 -5.97 12.44 -13.95
N PHE D 11 -5.81 13.35 -14.90
CA PHE D 11 -4.96 14.51 -14.72
C PHE D 11 -5.78 15.80 -14.57
N SER D 12 -5.30 16.71 -13.73
CA SER D 12 -5.93 18.02 -13.57
C SER D 12 -5.09 19.07 -14.33
N PRO D 13 -5.74 20.15 -14.79
CA PRO D 13 -5.01 21.16 -15.58
C PRO D 13 -3.99 21.90 -14.73
N ASP D 14 -2.90 22.36 -15.36
CA ASP D 14 -1.76 22.94 -14.60
C ASP D 14 -1.29 22.02 -13.42
N PRO D 15 -0.79 20.83 -13.76
CA PRO D 15 -0.35 19.90 -12.72
C PRO D 15 1.03 20.29 -12.22
N GLN D 16 1.10 20.93 -11.06
CA GLN D 16 2.36 21.45 -10.53
C GLN D 16 3.36 20.41 -10.06
N ASN D 17 2.92 19.16 -9.84
CA ASN D 17 3.85 18.05 -9.58
C ASN D 17 4.28 17.27 -10.83
N LEU D 18 3.95 17.80 -12.02
CA LEU D 18 4.47 17.27 -13.28
C LEU D 18 5.23 18.37 -13.99
N LEU D 19 6.38 17.99 -14.55
CA LEU D 19 7.20 18.88 -15.33
C LEU D 19 6.79 18.64 -16.78
N LEU D 20 6.01 19.57 -17.33
CA LEU D 20 5.55 19.47 -18.71
C LEU D 20 6.57 20.16 -19.62
N GLN D 21 6.99 19.45 -20.67
CA GLN D 21 8.02 19.93 -21.59
C GLN D 21 7.47 19.85 -23.02
N GLY D 22 7.88 20.79 -23.86
CA GLY D 22 7.38 20.87 -25.24
C GLY D 22 5.90 21.16 -25.30
N ASP D 23 5.18 20.43 -26.14
CA ASP D 23 3.78 20.75 -26.44
C ASP D 23 2.75 20.23 -25.42
N THR D 24 3.22 19.53 -24.38
CA THR D 24 2.30 18.81 -23.49
C THR D 24 1.30 19.74 -22.80
N VAL D 25 0.02 19.38 -22.84
CA VAL D 25 -1.02 20.02 -22.02
C VAL D 25 -1.90 18.94 -21.36
N VAL D 26 -2.64 19.34 -20.34
CA VAL D 26 -3.72 18.55 -19.81
C VAL D 26 -5.03 19.07 -20.38
N THR D 27 -5.83 18.18 -20.94
CA THR D 27 -7.15 18.54 -21.48
C THR D 27 -8.15 18.71 -20.34
N SER D 28 -9.30 19.26 -20.65
CA SER D 28 -10.39 19.40 -19.67
C SER D 28 -11.01 18.05 -19.29
N SER D 29 -10.98 17.08 -20.22
CA SER D 29 -11.37 15.70 -19.92
C SER D 29 -10.32 14.91 -19.09
N GLY D 30 -9.21 15.56 -18.71
CA GLY D 30 -8.21 14.99 -17.81
C GLY D 30 -7.18 14.07 -18.40
N HIS D 31 -6.92 14.22 -19.70
CA HIS D 31 -5.90 13.43 -20.39
C HIS D 31 -4.62 14.24 -20.44
N LEU D 32 -3.49 13.54 -20.39
CA LEU D 32 -2.19 14.15 -20.55
C LEU D 32 -1.90 14.09 -22.06
N GLN D 33 -2.03 15.22 -22.73
CA GLN D 33 -1.95 15.29 -24.17
C GLN D 33 -0.56 15.65 -24.59
N LEU D 34 0.21 14.66 -25.01
CA LEU D 34 1.65 14.86 -25.21
C LEU D 34 1.95 15.63 -26.52
N THR D 35 1.29 15.25 -27.61
CA THR D 35 1.47 15.97 -28.87
C THR D 35 0.22 16.84 -29.14
N GLN D 36 0.43 17.95 -29.83
CA GLN D 36 -0.58 19.00 -30.04
C GLN D 36 -1.77 18.52 -30.87
N VAL D 37 -2.95 18.99 -30.50
CA VAL D 37 -4.21 18.68 -31.18
C VAL D 37 -4.91 20.02 -31.45
N LYS D 38 -5.35 20.21 -32.70
CA LYS D 38 -5.99 21.44 -33.10
C LYS D 38 -7.36 20.99 -33.65
N ASP D 39 -8.32 21.26 -32.79
CA ASP D 39 -9.75 20.99 -33.04
C ASP D 39 -10.02 19.52 -33.32
N GLY D 40 -9.45 18.68 -32.45
CA GLY D 40 -9.61 17.20 -32.58
C GLY D 40 -8.85 16.50 -33.73
N GLU D 41 -7.97 17.25 -34.41
CA GLU D 41 -6.98 16.62 -35.31
C GLU D 41 -5.54 16.83 -34.83
N PRO D 42 -4.72 15.77 -34.95
CA PRO D 42 -3.32 15.90 -34.52
C PRO D 42 -2.50 16.77 -35.46
N VAL D 43 -1.60 17.54 -34.88
CA VAL D 43 -0.70 18.43 -35.59
C VAL D 43 0.66 17.73 -35.74
N TYR D 44 1.27 17.93 -36.89
CA TYR D 44 2.53 17.34 -37.23
C TYR D 44 3.67 18.09 -36.55
N SER D 45 4.85 17.47 -36.57
CA SER D 45 6.07 18.02 -36.02
C SER D 45 5.89 18.52 -34.57
N SER D 46 5.13 17.73 -33.80
CA SER D 46 4.84 18.04 -32.41
C SER D 46 5.64 17.10 -31.50
N LEU D 47 6.11 17.65 -30.39
CA LEU D 47 6.90 16.89 -29.44
C LEU D 47 6.49 17.31 -28.05
N GLY D 48 6.13 16.34 -27.21
CA GLY D 48 5.80 16.62 -25.83
C GLY D 48 6.31 15.57 -24.89
N ARG D 49 6.66 16.01 -23.69
CA ARG D 49 7.05 15.12 -22.61
C ARG D 49 6.43 15.57 -21.31
N ALA D 50 6.48 14.69 -20.33
CA ALA D 50 5.92 14.93 -19.01
C ALA D 50 6.67 14.07 -18.03
N LEU D 51 7.15 14.66 -16.95
CA LEU D 51 7.97 13.96 -15.97
C LEU D 51 7.41 14.20 -14.58
N TYR D 52 7.51 13.21 -13.69
CA TYR D 52 7.17 13.46 -12.29
C TYR D 52 8.21 14.45 -11.74
N TYR D 53 7.74 15.41 -10.96
CA TYR D 53 8.59 16.52 -10.52
C TYR D 53 9.74 16.07 -9.61
N ALA D 54 9.47 15.17 -8.68
CA ALA D 54 10.50 14.70 -7.77
C ALA D 54 11.42 13.67 -8.42
N PRO D 55 12.74 13.85 -8.27
CA PRO D 55 13.67 12.80 -8.61
C PRO D 55 13.37 11.50 -7.87
N ILE D 56 13.63 10.40 -8.55
CA ILE D 56 13.49 9.06 -8.00
C ILE D 56 14.90 8.55 -7.64
N HIS D 57 15.08 8.07 -6.42
CA HIS D 57 16.33 7.44 -5.99
C HIS D 57 16.34 5.99 -6.47
N ILE D 58 16.97 5.71 -7.60
CA ILE D 58 16.96 4.33 -8.14
C ILE D 58 18.16 3.47 -7.77
N TRP D 59 19.25 4.07 -7.32
CA TRP D 59 20.33 3.30 -6.71
C TRP D 59 21.21 4.17 -5.81
N ASP D 60 21.90 3.53 -4.89
CA ASP D 60 22.67 4.25 -3.88
C ASP D 60 24.08 3.72 -3.91
N SER D 61 25.05 4.61 -4.16
CA SER D 61 26.46 4.20 -4.29
C SER D 61 27.10 3.91 -2.92
N ASN D 62 26.63 4.58 -1.87
CA ASN D 62 27.06 4.30 -0.48
C ASN D 62 26.78 2.87 -0.05
N THR D 63 25.52 2.45 -0.15
CA THR D 63 25.07 1.12 0.27
C THR D 63 25.10 0.06 -0.85
N ASP D 64 25.40 0.47 -2.08
CA ASP D 64 25.42 -0.45 -3.24
C ASP D 64 24.12 -1.27 -3.43
N THR D 65 22.97 -0.65 -3.15
CA THR D 65 21.65 -1.22 -3.41
C THR D 65 21.05 -0.59 -4.66
N VAL D 66 20.17 -1.33 -5.32
CA VAL D 66 19.44 -0.88 -6.50
C VAL D 66 17.97 -1.07 -6.24
N ALA D 67 17.17 -0.13 -6.73
CA ALA D 67 15.73 -0.14 -6.49
C ALA D 67 15.01 -1.08 -7.43
N ASN D 68 13.90 -1.63 -6.95
CA ASN D 68 12.87 -2.16 -7.82
C ASN D 68 11.88 -1.02 -8.13
N PHE D 69 11.25 -1.10 -9.28
CA PHE D 69 10.09 -0.25 -9.52
C PHE D 69 9.07 -0.91 -10.39
N VAL D 70 7.83 -0.43 -10.31
CA VAL D 70 6.76 -0.84 -11.19
C VAL D 70 5.97 0.40 -11.52
N THR D 71 5.66 0.56 -12.79
CA THR D 71 4.78 1.63 -13.23
C THR D 71 3.66 1.06 -14.10
N SER D 72 2.49 1.66 -14.01
CA SER D 72 1.41 1.29 -14.90
C SER D 72 0.85 2.55 -15.53
N PHE D 73 0.41 2.43 -16.77
CA PHE D 73 -0.30 3.55 -17.38
C PHE D 73 -1.22 3.09 -18.49
N SER D 74 -2.20 3.93 -18.78
CA SER D 74 -3.10 3.74 -19.89
C SER D 74 -2.87 4.85 -20.90
N PHE D 75 -2.77 4.48 -22.17
CA PHE D 75 -2.63 5.46 -23.22
C PHE D 75 -3.51 5.15 -24.42
N VAL D 76 -3.70 6.17 -25.25
CA VAL D 76 -4.41 6.07 -26.51
C VAL D 76 -3.59 6.76 -27.58
N ILE D 77 -3.42 6.07 -28.71
CA ILE D 77 -2.90 6.64 -29.94
C ILE D 77 -4.01 6.60 -30.99
N ASP D 78 -4.38 7.78 -31.51
CA ASP D 78 -5.40 7.92 -32.57
C ASP D 78 -4.76 8.53 -33.81
N ALA D 79 -4.50 7.67 -34.80
CA ALA D 79 -4.02 8.09 -36.13
C ALA D 79 -5.21 8.24 -37.09
N PRO D 80 -5.42 9.44 -37.67
CA PRO D 80 -6.49 9.60 -38.71
C PRO D 80 -6.33 8.61 -39.88
N ASN D 81 -5.08 8.32 -40.25
CA ASN D 81 -4.79 7.29 -41.23
C ASN D 81 -3.73 6.33 -40.64
N LYS D 82 -4.16 5.10 -40.37
CA LYS D 82 -3.32 4.11 -39.67
C LYS D 82 -2.02 3.73 -40.40
N ALA D 83 -2.09 3.62 -41.73
CA ALA D 83 -0.91 3.32 -42.55
C ALA D 83 0.15 4.42 -42.52
N LYS D 84 -0.27 5.65 -42.22
CA LYS D 84 0.65 6.80 -42.09
C LYS D 84 0.77 7.25 -40.63
N ALA D 85 0.79 6.31 -39.69
CA ALA D 85 0.97 6.63 -38.28
C ALA D 85 2.45 6.98 -38.01
N ALA D 86 2.67 8.04 -37.22
CA ALA D 86 4.02 8.38 -36.72
C ALA D 86 3.95 9.34 -35.52
N ASP D 87 4.98 9.43 -34.67
CA ASP D 87 6.15 8.54 -34.59
C ASP D 87 6.13 7.53 -33.43
N GLY D 88 5.50 7.90 -32.32
CA GLY D 88 5.33 7.02 -31.20
C GLY D 88 5.36 7.70 -29.84
N LEU D 89 5.40 6.86 -28.82
CA LEU D 89 5.38 7.23 -27.43
C LEU D 89 6.39 6.38 -26.70
N ALA D 90 7.00 6.92 -25.66
CA ALA D 90 7.88 6.12 -24.78
C ALA D 90 7.78 6.52 -23.31
N PHE D 91 7.95 5.52 -22.44
CA PHE D 91 8.17 5.73 -21.02
C PHE D 91 9.69 5.66 -20.84
N PHE D 92 10.24 6.57 -20.03
CA PHE D 92 11.68 6.60 -19.85
C PHE D 92 12.14 7.06 -18.48
N LEU D 93 13.39 6.70 -18.20
CA LEU D 93 14.14 7.16 -17.05
C LEU D 93 15.37 7.87 -17.57
N ALA D 94 15.71 9.00 -16.96
CA ALA D 94 16.75 9.86 -17.49
C ALA D 94 17.31 10.71 -16.38
N PRO D 95 18.46 11.37 -16.61
CA PRO D 95 19.00 12.21 -15.55
C PRO D 95 18.03 13.33 -15.18
N VAL D 96 18.16 13.82 -13.94
CA VAL D 96 17.21 14.78 -13.38
C VAL D 96 17.03 16.02 -14.24
N ASP D 97 18.13 16.55 -14.80
CA ASP D 97 18.09 17.75 -15.66
C ASP D 97 17.67 17.48 -17.13
N THR D 98 17.12 16.31 -17.43
CA THR D 98 16.77 15.94 -18.79
C THR D 98 15.91 16.98 -19.50
N GLU D 99 16.24 17.21 -20.78
CA GLU D 99 15.53 18.17 -21.62
C GLU D 99 15.11 17.49 -22.92
N PRO D 100 14.06 17.99 -23.59
CA PRO D 100 13.66 17.39 -24.88
C PRO D 100 14.79 17.45 -25.92
N GLN D 101 14.94 16.41 -26.71
CA GLN D 101 15.95 16.32 -27.76
C GLN D 101 15.21 16.40 -29.11
N LYS D 102 15.60 15.59 -30.10
CA LYS D 102 15.11 15.79 -31.47
C LYS D 102 13.71 15.25 -31.61
N PRO D 103 12.87 15.93 -32.40
CA PRO D 103 11.51 15.45 -32.63
C PRO D 103 11.49 14.23 -33.57
N GLY D 104 10.32 13.85 -34.05
CA GLY D 104 10.19 12.77 -35.02
C GLY D 104 10.53 11.40 -34.43
N GLY D 105 11.19 10.56 -35.21
CA GLY D 105 11.55 9.20 -34.79
C GLY D 105 12.59 9.06 -33.69
N LEU D 106 13.22 10.16 -33.29
CA LEU D 106 14.08 10.17 -32.11
C LEU D 106 13.28 10.42 -30.81
N LEU D 107 11.97 10.66 -30.96
CA LEU D 107 10.96 10.64 -29.91
C LEU D 107 11.20 11.63 -28.76
N GLY D 108 12.01 12.65 -28.99
CA GLY D 108 12.34 13.60 -27.94
C GLY D 108 13.36 13.08 -26.96
N LEU D 109 13.95 11.90 -27.20
CA LEU D 109 14.88 11.26 -26.26
C LEU D 109 16.35 11.44 -26.59
N PHE D 110 16.68 11.39 -27.88
CA PHE D 110 18.07 11.38 -28.34
C PHE D 110 18.31 12.53 -29.32
N HIS D 111 19.56 13.01 -29.39
CA HIS D 111 19.95 14.03 -30.39
C HIS D 111 20.49 13.41 -31.68
N ASP D 112 20.65 12.10 -31.71
CA ASP D 112 21.07 11.39 -32.91
C ASP D 112 20.69 9.90 -32.78
N ASP D 113 21.00 9.10 -33.80
CA ASP D 113 20.66 7.68 -33.82
C ASP D 113 21.79 6.71 -33.45
N ARG D 114 22.79 7.20 -32.73
CA ARG D 114 23.93 6.37 -32.34
C ARG D 114 23.79 5.90 -30.89
N HIS D 115 24.66 4.97 -30.52
CA HIS D 115 24.76 4.44 -29.17
C HIS D 115 25.71 5.37 -28.46
N ASN D 116 25.38 5.80 -27.25
CA ASN D 116 26.25 6.68 -26.47
C ASN D 116 25.91 6.59 -24.98
N LYS D 117 26.89 6.16 -24.19
CA LYS D 117 26.74 5.96 -22.75
C LYS D 117 26.45 7.23 -21.95
N SER D 118 26.79 8.39 -22.51
CA SER D 118 26.53 9.67 -21.83
C SER D 118 25.05 10.15 -21.97
N ASN D 119 24.23 9.45 -22.77
CA ASN D 119 22.79 9.68 -22.79
C ASN D 119 22.13 9.38 -21.45
N HIS D 120 22.53 8.28 -20.80
CA HIS D 120 21.94 7.81 -19.53
C HIS D 120 20.39 7.69 -19.60
N ILE D 121 19.90 7.07 -20.67
CA ILE D 121 18.48 6.87 -20.92
C ILE D 121 18.17 5.38 -20.91
N VAL D 122 17.13 5.01 -20.17
CA VAL D 122 16.50 3.70 -20.33
C VAL D 122 15.07 4.00 -20.68
N ALA D 123 14.55 3.35 -21.72
CA ALA D 123 13.21 3.63 -22.19
C ALA D 123 12.51 2.41 -22.77
N VAL D 124 11.18 2.44 -22.70
CA VAL D 124 10.33 1.48 -23.38
C VAL D 124 9.54 2.28 -24.39
N GLU D 125 9.67 1.91 -25.66
CA GLU D 125 9.07 2.67 -26.77
C GLU D 125 7.91 1.94 -27.42
N PHE D 126 6.92 2.70 -27.84
CA PHE D 126 5.78 2.20 -28.57
C PHE D 126 5.87 2.92 -29.90
N ASP D 127 6.46 2.22 -30.87
CA ASP D 127 7.01 2.85 -32.08
C ASP D 127 6.09 2.57 -33.25
N THR D 128 5.45 3.62 -33.76
CA THR D 128 4.45 3.48 -34.82
C THR D 128 4.97 3.71 -36.26
N PHE D 129 6.23 4.07 -36.42
CA PHE D 129 6.80 4.42 -37.73
C PHE D 129 8.19 3.82 -37.94
N LYS D 130 8.38 3.15 -39.08
CA LYS D 130 9.64 2.51 -39.43
C LYS D 130 10.69 3.50 -39.95
N ASN D 131 11.65 3.82 -39.10
CA ASN D 131 12.86 4.56 -39.47
C ASN D 131 13.94 3.60 -39.98
N SER D 132 15.05 4.14 -40.50
CA SER D 132 16.13 3.31 -41.06
C SER D 132 16.68 2.24 -40.09
N TRP D 133 16.74 2.59 -38.80
CA TRP D 133 17.25 1.72 -37.71
C TRP D 133 16.23 0.72 -37.12
N ASP D 134 14.97 0.81 -37.53
CA ASP D 134 13.89 0.02 -36.94
C ASP D 134 13.67 -1.28 -37.64
N PRO D 135 13.16 -2.29 -36.93
CA PRO D 135 12.68 -3.49 -37.62
C PRO D 135 11.37 -3.20 -38.35
N GLU D 136 10.97 -4.15 -39.19
CA GLU D 136 9.75 -4.02 -39.98
C GLU D 136 8.53 -4.07 -39.06
N GLY D 137 7.55 -3.22 -39.33
CA GLY D 137 6.29 -3.22 -38.60
C GLY D 137 6.33 -2.37 -37.34
N THR D 138 5.16 -1.96 -36.87
CA THR D 138 5.03 -1.25 -35.61
C THR D 138 5.46 -2.19 -34.47
N HIS D 139 6.13 -1.66 -33.45
CA HIS D 139 6.77 -2.49 -32.46
C HIS D 139 6.95 -1.82 -31.11
N ILE D 140 7.20 -2.64 -30.11
CA ILE D 140 7.56 -2.19 -28.78
C ILE D 140 9.02 -2.54 -28.59
N GLY D 141 9.78 -1.62 -28.01
CA GLY D 141 11.20 -1.82 -27.79
C GLY D 141 11.69 -1.42 -26.42
N ILE D 142 12.71 -2.11 -25.95
CA ILE D 142 13.51 -1.70 -24.81
C ILE D 142 14.78 -1.04 -25.32
N ASN D 143 15.01 0.18 -24.86
CA ASN D 143 16.05 1.06 -25.36
C ASN D 143 16.97 1.45 -24.22
N VAL D 144 18.27 1.27 -24.43
CA VAL D 144 19.29 1.67 -23.48
C VAL D 144 20.29 2.54 -24.22
N ASN D 145 20.32 3.83 -23.89
CA ASN D 145 21.29 4.79 -24.45
C ASN D 145 21.26 4.97 -25.98
N SER D 146 20.16 4.58 -26.63
CA SER D 146 20.07 4.66 -28.08
C SER D 146 18.63 4.47 -28.53
N ILE D 147 18.29 5.13 -29.63
CA ILE D 147 17.01 4.89 -30.29
C ILE D 147 16.97 3.50 -30.93
N VAL D 148 18.14 2.89 -31.18
CA VAL D 148 18.17 1.53 -31.73
C VAL D 148 17.95 0.58 -30.56
N SER D 149 16.76 -0.04 -30.54
CA SER D 149 16.36 -0.86 -29.39
C SER D 149 17.27 -2.07 -29.20
N ARG D 150 17.54 -2.37 -27.95
CA ARG D 150 18.25 -3.57 -27.55
C ARG D 150 17.44 -4.83 -27.85
N LYS D 151 16.12 -4.73 -27.79
CA LYS D 151 15.22 -5.84 -28.07
C LYS D 151 13.85 -5.30 -28.43
N THR D 152 13.17 -5.99 -29.33
CA THR D 152 11.87 -5.58 -29.80
C THR D 152 10.93 -6.76 -29.96
N ILE D 153 9.64 -6.46 -29.99
CA ILE D 153 8.60 -7.39 -30.39
C ILE D 153 7.60 -6.67 -31.29
N SER D 154 6.93 -7.47 -32.10
CA SER D 154 5.86 -6.99 -32.94
C SER D 154 4.69 -6.53 -32.05
N TRP D 155 4.05 -5.43 -32.46
CA TRP D 155 2.88 -4.88 -31.76
C TRP D 155 1.97 -4.24 -32.78
N ASP D 156 0.74 -4.68 -32.86
CA ASP D 156 -0.23 -4.10 -33.78
C ASP D 156 -0.99 -3.00 -33.03
N LEU D 157 -0.80 -1.76 -33.48
CA LEU D 157 -1.53 -0.63 -32.98
C LEU D 157 -3.03 -0.83 -33.20
N GLU D 158 -3.81 -0.74 -32.13
CA GLU D 158 -5.26 -0.73 -32.24
C GLU D 158 -5.71 0.71 -32.06
N ASN D 159 -6.15 1.27 -33.18
CA ASN D 159 -6.34 2.69 -33.33
C ASN D 159 -7.44 3.18 -32.42
N ASP D 160 -7.15 4.25 -31.67
CA ASP D 160 -8.11 4.87 -30.76
C ASP D 160 -8.65 3.96 -29.63
N GLU D 161 -7.99 2.82 -29.34
CA GLU D 161 -8.36 1.94 -28.24
C GLU D 161 -7.40 2.17 -27.06
N VAL D 162 -7.92 1.96 -25.86
CA VAL D 162 -7.12 2.13 -24.64
C VAL D 162 -6.12 0.97 -24.50
N ALA D 163 -4.83 1.31 -24.35
CA ALA D 163 -3.78 0.33 -24.07
C ALA D 163 -3.38 0.47 -22.62
N ASN D 164 -3.36 -0.65 -21.89
CA ASN D 164 -2.88 -0.73 -20.52
C ASN D 164 -1.46 -1.29 -20.50
N VAL D 165 -0.50 -0.48 -20.05
CA VAL D 165 0.91 -0.87 -19.95
C VAL D 165 1.34 -1.07 -18.49
N VAL D 166 2.17 -2.10 -18.27
CA VAL D 166 2.91 -2.25 -17.01
C VAL D 166 4.38 -2.44 -17.36
N ILE D 167 5.25 -1.71 -16.68
CA ILE D 167 6.68 -1.84 -16.83
C ILE D 167 7.26 -2.02 -15.42
N SER D 168 8.14 -3.00 -15.27
CA SER D 168 8.74 -3.25 -13.95
C SER D 168 10.20 -3.59 -14.07
N TYR D 169 10.92 -3.31 -12.99
CA TYR D 169 12.34 -3.62 -12.90
C TYR D 169 12.57 -4.44 -11.63
N GLN D 170 13.13 -5.62 -11.82
CA GLN D 170 13.53 -6.51 -10.75
C GLN D 170 15.07 -6.44 -10.62
N ALA D 171 15.57 -5.78 -9.58
CA ALA D 171 17.00 -5.55 -9.40
C ALA D 171 17.83 -6.83 -9.19
N SER D 172 17.29 -7.82 -8.50
CA SER D 172 18.04 -9.06 -8.23
C SER D 172 18.39 -9.83 -9.48
N THR D 173 17.56 -9.76 -10.52
CA THR D 173 17.85 -10.41 -11.81
C THR D 173 18.17 -9.41 -12.91
N LYS D 174 18.27 -8.14 -12.55
CA LYS D 174 18.50 -7.04 -13.51
C LYS D 174 17.55 -7.04 -14.72
N THR D 175 16.28 -7.36 -14.49
CA THR D 175 15.32 -7.62 -15.56
C THR D 175 14.27 -6.51 -15.65
N LEU D 176 14.15 -5.95 -16.84
CA LEU D 176 13.12 -4.97 -17.16
C LEU D 176 12.04 -5.66 -17.97
N THR D 177 10.81 -5.59 -17.52
CA THR D 177 9.67 -6.24 -18.19
C THR D 177 8.67 -5.20 -18.59
N ALA D 178 8.09 -5.34 -19.77
CA ALA D 178 7.09 -4.41 -20.27
C ALA D 178 5.98 -5.20 -20.90
N SER D 179 4.75 -4.90 -20.53
CA SER D 179 3.57 -5.52 -21.11
C SER D 179 2.60 -4.48 -21.58
N LEU D 180 1.83 -4.83 -22.60
CA LEU D 180 0.72 -4.03 -23.12
C LEU D 180 -0.47 -4.93 -23.36
N VAL D 181 -1.62 -4.51 -22.89
CA VAL D 181 -2.88 -5.23 -23.07
C VAL D 181 -3.90 -4.29 -23.67
N TYR D 182 -4.65 -4.77 -24.65
CA TYR D 182 -5.85 -4.07 -25.14
C TYR D 182 -7.04 -4.86 -24.65
N PRO D 183 -7.72 -4.40 -23.60
CA PRO D 183 -8.89 -5.17 -23.13
C PRO D 183 -10.05 -5.24 -24.16
N SER D 184 -10.21 -4.21 -24.99
CA SER D 184 -11.26 -4.16 -26.02
C SER D 184 -11.24 -5.35 -26.98
N SER D 185 -10.04 -5.76 -27.41
CA SER D 185 -9.88 -6.89 -28.34
C SER D 185 -9.24 -8.15 -27.71
N SER D 186 -8.98 -8.12 -26.41
CA SER D 186 -8.30 -9.21 -25.71
C SER D 186 -6.94 -9.58 -26.30
N THR D 187 -6.19 -8.58 -26.72
CA THR D 187 -4.88 -8.77 -27.33
C THR D 187 -3.84 -8.32 -26.31
N SER D 188 -2.70 -8.99 -26.26
CA SER D 188 -1.66 -8.63 -25.27
C SER D 188 -0.28 -8.92 -25.75
N TYR D 189 0.68 -8.18 -25.21
CA TYR D 189 2.08 -8.22 -25.64
C TYR D 189 3.01 -8.13 -24.44
N ILE D 190 4.16 -8.77 -24.52
CA ILE D 190 5.13 -8.73 -23.42
C ILE D 190 6.53 -8.92 -23.92
N LEU D 191 7.48 -8.25 -23.30
CA LEU D 191 8.88 -8.57 -23.48
C LEU D 191 9.68 -8.15 -22.29
N ASN D 192 10.87 -8.72 -22.17
CA ASN D 192 11.76 -8.38 -21.10
C ASN D 192 13.20 -8.59 -21.52
N ASP D 193 14.10 -7.89 -20.84
CA ASP D 193 15.51 -7.96 -21.14
C ASP D 193 16.35 -7.56 -19.95
N VAL D 194 17.60 -8.03 -19.95
CA VAL D 194 18.58 -7.64 -18.95
C VAL D 194 19.02 -6.20 -19.21
N VAL D 195 18.88 -5.37 -18.18
CA VAL D 195 19.30 -3.99 -18.17
C VAL D 195 19.91 -3.75 -16.78
N ASP D 196 21.15 -3.28 -16.70
CA ASP D 196 21.77 -3.02 -15.42
C ASP D 196 21.69 -1.53 -15.09
N LEU D 197 20.68 -1.15 -14.31
CA LEU D 197 20.43 0.28 -14.04
C LEU D 197 21.58 1.04 -13.40
N LYS D 198 22.33 0.37 -12.54
CA LYS D 198 23.51 0.94 -11.90
C LYS D 198 24.60 1.36 -12.90
N GLN D 199 24.80 0.59 -13.96
CA GLN D 199 25.76 0.95 -15.02
C GLN D 199 25.25 2.09 -15.92
N ILE D 200 23.94 2.18 -16.14
CA ILE D 200 23.36 3.08 -17.13
C ILE D 200 22.97 4.44 -16.57
N LEU D 201 22.32 4.46 -15.42
CA LEU D 201 21.65 5.67 -14.95
C LEU D 201 22.39 6.24 -13.75
N PRO D 202 22.23 7.55 -13.53
CA PRO D 202 22.71 8.11 -12.26
C PRO D 202 21.84 7.67 -11.08
N GLU D 203 22.28 8.00 -9.87
CA GLU D 203 21.63 7.55 -8.65
C GLU D 203 20.20 8.07 -8.58
N TYR D 204 20.00 9.31 -9.00
CA TYR D 204 18.68 9.89 -9.07
C TYR D 204 18.30 10.14 -10.51
N VAL D 205 17.04 9.82 -10.83
CA VAL D 205 16.51 10.04 -12.17
C VAL D 205 15.17 10.72 -12.10
N ARG D 206 14.75 11.26 -13.23
CA ARG D 206 13.34 11.56 -13.42
C ARG D 206 12.72 10.54 -14.35
N VAL D 207 11.43 10.32 -14.19
CA VAL D 207 10.68 9.33 -14.93
C VAL D 207 9.48 10.01 -15.57
N GLY D 208 9.10 9.52 -16.74
CA GLY D 208 7.93 10.02 -17.39
C GLY D 208 7.77 9.57 -18.82
N PHE D 209 7.07 10.40 -19.60
CA PHE D 209 6.67 10.07 -20.94
C PHE D 209 7.20 11.09 -21.92
N THR D 210 7.35 10.63 -23.16
CA THR D 210 7.62 11.47 -24.29
C THR D 210 6.87 10.95 -25.49
N ALA D 211 6.47 11.85 -26.39
CA ALA D 211 5.85 11.44 -27.65
C ALA D 211 6.07 12.47 -28.72
N ALA D 212 5.99 11.99 -29.96
CA ALA D 212 6.26 12.80 -31.13
C ALA D 212 5.34 12.40 -32.26
N SER D 213 4.72 13.38 -32.92
CA SER D 213 4.03 13.14 -34.19
C SER D 213 5.02 13.25 -35.33
N GLY D 214 4.65 12.76 -36.50
CA GLY D 214 5.58 12.72 -37.66
C GLY D 214 5.96 14.09 -38.21
N LEU D 215 7.06 14.12 -38.96
CA LEU D 215 7.62 15.34 -39.53
C LEU D 215 7.08 15.75 -40.91
N SER D 216 6.08 15.04 -41.43
CA SER D 216 5.29 15.48 -42.61
C SER D 216 3.80 15.54 -42.19
N LYS D 217 3.04 16.40 -42.85
CA LYS D 217 1.64 16.68 -42.46
C LYS D 217 0.67 15.52 -42.49
N ASP D 218 0.93 14.52 -43.33
CA ASP D 218 0.06 13.35 -43.49
C ASP D 218 0.43 12.16 -42.57
N HIS D 219 1.55 12.27 -41.83
CA HIS D 219 2.02 11.23 -40.90
C HIS D 219 1.86 11.68 -39.43
N VAL D 220 0.65 11.60 -38.92
CA VAL D 220 0.33 12.17 -37.63
C VAL D 220 -0.51 11.21 -36.80
N GLU D 221 -0.45 11.41 -35.49
CA GLU D 221 -1.32 10.73 -34.53
C GLU D 221 -1.31 11.48 -33.23
N THR D 222 -2.35 11.27 -32.43
CA THR D 222 -2.40 11.77 -31.08
C THR D 222 -1.65 10.80 -30.18
N HIS D 223 -1.21 11.29 -29.02
CA HIS D 223 -0.61 10.48 -27.96
C HIS D 223 -1.09 10.99 -26.59
N ASP D 224 -2.12 10.36 -26.05
CA ASP D 224 -2.70 10.77 -24.76
C ASP D 224 -2.46 9.71 -23.69
N VAL D 225 -1.98 10.12 -22.53
CA VAL D 225 -1.91 9.27 -21.37
C VAL D 225 -3.12 9.58 -20.49
N LEU D 226 -3.89 8.56 -20.13
CA LEU D 226 -5.13 8.72 -19.34
C LEU D 226 -4.92 8.54 -17.85
N ALA D 227 -3.91 7.77 -17.46
CA ALA D 227 -3.69 7.42 -16.04
C ALA D 227 -2.30 6.86 -15.87
N TRP D 228 -1.77 6.97 -14.67
CA TRP D 228 -0.37 6.67 -14.39
C TRP D 228 -0.17 6.41 -12.91
N THR D 229 0.32 5.22 -12.57
CA THR D 229 0.86 4.94 -11.24
C THR D 229 2.34 4.62 -11.34
N PHE D 230 3.08 4.96 -10.29
CA PHE D 230 4.51 4.65 -10.20
C PHE D 230 4.87 4.27 -8.77
N ASP D 231 5.68 3.24 -8.62
CA ASP D 231 6.18 2.79 -7.32
C ASP D 231 7.62 2.38 -7.42
N SER D 232 8.47 2.92 -6.56
CA SER D 232 9.83 2.47 -6.46
C SER D 232 10.20 2.19 -5.03
N ASP D 233 11.11 1.24 -4.86
CA ASP D 233 11.53 0.80 -3.52
C ASP D 233 13.04 0.54 -3.58
N LEU D 234 13.81 1.42 -2.96
CA LEU D 234 15.24 1.24 -2.78
C LEU D 234 15.46 0.58 -1.42
N PRO D 235 15.79 -0.73 -1.40
CA PRO D 235 15.85 -1.43 -0.14
C PRO D 235 17.08 -1.10 0.72
N ASP D 236 17.00 -1.52 1.97
CA ASP D 236 18.17 -1.55 2.86
C ASP D 236 19.20 -2.54 2.33
N PRO D 237 20.48 -2.31 2.64
CA PRO D 237 21.52 -3.34 2.34
C PRO D 237 21.27 -4.66 3.10
N SER D 238 21.71 -5.76 2.52
CA SER D 238 21.65 -7.08 3.20
C SER D 238 22.29 -7.15 4.65
C1 NAG E . -23.50 -30.36 -14.60
C2 NAG E . -23.99 -31.42 -15.56
C3 NAG E . -25.34 -31.89 -15.04
C4 NAG E . -25.22 -32.33 -13.59
C5 NAG E . -24.61 -31.24 -12.73
C6 NAG E . -24.25 -31.73 -11.35
C7 NAG E . -23.15 -31.34 -17.92
C8 NAG E . -23.39 -30.76 -19.30
N2 NAG E . -24.04 -30.98 -16.96
O3 NAG E . -25.64 -33.04 -15.80
O4 NAG E . -26.48 -32.70 -13.04
O5 NAG E . -23.38 -30.85 -13.29
O6 NAG E . -23.40 -30.76 -10.77
O7 NAG E . -22.17 -32.06 -17.74
C1 NAG E . -26.43 -33.94 -12.31
C2 NAG E . -27.68 -34.03 -11.41
C3 NAG E . -27.82 -35.41 -10.75
C4 NAG E . -27.66 -36.54 -11.76
C5 NAG E . -26.35 -36.35 -12.53
C6 NAG E . -26.06 -37.41 -13.59
C7 NAG E . -28.46 -32.01 -10.26
C8 NAG E . -28.29 -31.09 -9.07
N2 NAG E . -27.61 -33.05 -10.33
O3 NAG E . -29.07 -35.52 -10.03
O4 NAG E . -27.63 -37.76 -10.99
O5 NAG E . -26.35 -35.07 -13.18
O6 NAG E . -24.67 -37.30 -13.88
O7 NAG E . -29.30 -31.81 -11.12
C1 BMA E . -28.36 -38.86 -11.56
C2 BMA E . -27.57 -40.09 -11.11
C3 BMA E . -28.21 -41.38 -11.64
C4 BMA E . -29.77 -41.40 -11.48
C5 BMA E . -30.47 -40.03 -11.82
C6 BMA E . -31.99 -39.91 -11.55
O2 BMA E . -27.48 -40.06 -9.68
O3 BMA E . -27.54 -42.52 -11.03
O4 BMA E . -30.21 -42.39 -12.40
O5 BMA E . -29.76 -38.95 -11.17
O6 BMA E . -32.43 -39.96 -10.16
C1 XYP E . -26.38 -39.93 -8.92
C2 XYP E . -26.91 -39.38 -7.58
C3 XYP E . -25.80 -39.26 -6.53
C4 XYP E . -24.93 -40.55 -6.43
C5 XYP E . -24.56 -41.09 -7.82
O2 XYP E . -27.53 -38.10 -7.80
O3 XYP E . -26.45 -38.89 -5.29
O4 XYP E . -23.70 -40.32 -5.72
O5 XYP E . -25.67 -41.17 -8.71
C1 MAN E . -26.86 -43.42 -11.96
C2 MAN E . -26.43 -44.72 -11.26
C3 MAN E . -25.16 -44.46 -10.43
C4 MAN E . -24.02 -43.87 -11.25
C5 MAN E . -24.51 -42.61 -11.94
C6 MAN E . -23.46 -42.06 -12.89
O2 MAN E . -26.29 -45.81 -12.22
O3 MAN E . -24.69 -45.66 -9.84
O4 MAN E . -22.88 -43.59 -10.43
O5 MAN E . -25.74 -42.87 -12.68
O6 MAN E . -24.00 -40.88 -13.48
C1 FUC E . -26.68 -32.72 -16.75
C2 FUC E . -26.74 -33.79 -17.83
C3 FUC E . -27.21 -35.12 -17.26
C4 FUC E . -28.47 -34.94 -16.42
C5 FUC E . -28.32 -33.81 -15.43
C6 FUC E . -29.61 -33.57 -14.65
O2 FUC E . -25.44 -33.96 -18.40
O3 FUC E . -27.46 -36.04 -18.32
O4 FUC E . -29.58 -34.66 -17.29
O5 FUC E . -27.96 -32.61 -16.12
C1 NAG F . -5.46 -20.68 34.57
C2 NAG F . -5.77 -21.39 35.88
C3 NAG F . -5.77 -22.91 35.69
C4 NAG F . -6.58 -23.40 34.49
C5 NAG F . -6.10 -22.58 33.26
C6 NAG F . -6.76 -22.92 31.92
C7 NAG F . -5.20 -20.32 38.05
C8 NAG F . -4.12 -20.06 39.08
N2 NAG F . -4.83 -21.02 36.95
O3 NAG F . -6.34 -23.46 36.88
O4 NAG F . -6.41 -24.83 34.36
O5 NAG F . -6.33 -21.20 33.55
O6 NAG F . -8.17 -22.64 31.98
O7 NAG F . -6.33 -19.90 38.21
C1 NAG F . -7.62 -25.62 34.18
C2 NAG F . -7.32 -27.00 33.58
C3 NAG F . -8.63 -27.77 33.37
C4 NAG F . -9.43 -27.91 34.67
C5 NAG F . -9.62 -26.50 35.26
C6 NAG F . -10.24 -26.56 36.66
C7 NAG F . -5.26 -26.83 32.22
C8 NAG F . -4.73 -26.72 30.81
N2 NAG F . -6.59 -26.89 32.32
O3 NAG F . -8.37 -29.08 32.88
O4 NAG F . -10.68 -28.64 34.42
O5 NAG F . -8.36 -25.81 35.39
O6 NAG F . -11.02 -25.38 36.87
O7 NAG F . -4.50 -26.86 33.18
C1 BMA F . -10.89 -29.86 35.22
C2 BMA F . -12.38 -30.01 35.65
C3 BMA F . -12.57 -31.33 36.46
C4 BMA F . -11.83 -32.56 35.89
C5 BMA F . -10.38 -32.22 35.44
C6 BMA F . -9.66 -33.42 34.78
O2 BMA F . -13.32 -29.87 34.58
O3 BMA F . -13.97 -31.62 36.64
O4 BMA F . -11.80 -33.56 36.93
O5 BMA F . -10.39 -31.05 34.59
O6 BMA F . -9.65 -33.35 33.35
C1 FUC F . -5.30 -23.75 37.80
C2 FUC F . -5.89 -24.04 39.17
C3 FUC F . -6.70 -25.31 39.17
C4 FUC F . -5.92 -26.46 38.54
C5 FUC F . -5.33 -26.04 37.20
C6 FUC F . -4.48 -27.16 36.60
O2 FUC F . -6.72 -22.94 39.56
O3 FUC F . -7.05 -25.68 40.51
O4 FUC F . -4.87 -26.86 39.43
O5 FUC F . -4.52 -24.89 37.39
C1 NAG G . 0.04 40.26 5.66
C2 NAG G . 0.70 41.59 6.03
C3 NAG G . 1.02 42.56 4.88
C4 NAG G . 1.69 41.85 3.73
C5 NAG G . 0.93 40.55 3.41
C6 NAG G . 1.62 39.74 2.30
C7 NAG G . 0.25 42.49 8.26
C8 NAG G . -0.72 43.27 9.11
N2 NAG G . -0.12 42.30 6.99
O3 NAG G . 2.00 43.52 5.32
O4 NAG G . 1.73 42.82 2.66
O5 NAG G . 0.80 39.71 4.58
O6 NAG G . 2.82 39.19 2.83
O7 NAG G . 1.29 42.03 8.72
C1 NAG G . 3.01 42.92 1.96
C2 NAG G . 2.79 43.68 0.63
C3 NAG G . 4.10 43.69 -0.16
C4 NAG G . 5.18 44.44 0.61
C5 NAG G . 5.32 43.74 1.99
C6 NAG G . 6.26 44.47 2.96
C7 NAG G . 0.45 43.69 -0.15
C8 NAG G . -0.60 43.03 -0.99
N2 NAG G . 1.67 43.14 -0.15
O3 NAG G . 3.92 44.31 -1.44
O4 NAG G . 6.35 44.45 -0.25
O5 NAG G . 4.04 43.61 2.67
O6 NAG G . 6.65 43.58 4.02
O7 NAG G . 0.20 44.69 0.51
C1 BMA G . 7.19 45.64 -0.25
C2 BMA G . 8.65 45.18 -0.11
C3 BMA G . 9.57 46.42 0.06
C4 BMA G . 9.34 47.48 -1.05
C5 BMA G . 7.82 47.79 -1.18
C6 BMA G . 7.53 48.88 -2.23
O2 BMA G . 9.01 44.33 -1.21
O3 BMA G . 10.96 46.03 0.15
O4 BMA G . 10.09 48.67 -0.74
O5 BMA G . 7.08 46.54 -1.38
O6 BMA G . 6.13 49.12 -2.43
C1 FUC G . 1.31 44.66 5.86
C2 FUC G . 2.31 45.58 6.54
C3 FUC G . 3.26 46.21 5.52
C4 FUC G . 2.48 46.82 4.36
C5 FUC G . 1.46 45.82 3.81
C6 FUC G . 0.64 46.46 2.69
O2 FUC G . 3.08 44.84 7.49
O3 FUC G . 4.03 47.24 6.16
O4 FUC G . 1.80 48.00 4.80
O5 FUC G . 0.60 45.39 4.85
C1 NGA H . -3.16 -40.17 -18.16
C2 NGA H . -3.69 -38.84 -17.63
C3 NGA H . -2.77 -37.70 -18.07
C4 NGA H . -1.31 -38.04 -17.71
C5 NGA H . -0.89 -39.38 -18.35
C6 NGA H . 0.60 -39.76 -18.12
C7 NGA H . -6.05 -38.16 -17.25
C8 NGA H . -7.40 -38.02 -17.90
N2 NGA H . -5.07 -38.61 -18.06
O1 NGA H . -3.82 -41.16 -17.40
O3 NGA H . -3.22 -36.46 -17.49
O4 NGA H . -1.13 -38.10 -16.28
O5 NGA H . -1.78 -40.39 -17.85
O6 NGA H . 0.86 -41.17 -18.14
O7 NGA H . -5.89 -37.88 -16.05
CA CA I . -3.12 -31.40 -19.78
MN MN J . -4.64 -27.64 -21.07
C1 NGA K . -23.10 -5.90 37.35
C2 NGA K . -22.21 -6.59 36.31
C3 NGA K . -21.67 -5.39 35.50
C4 NGA K . -22.84 -4.72 34.77
C5 NGA K . -23.94 -4.37 35.79
C6 NGA K . -25.22 -3.78 35.22
C7 NGA K . -20.52 -8.35 36.13
C8 NGA K . -19.35 -9.03 36.80
N2 NGA K . -21.12 -7.39 36.84
O1 NGA K . -23.45 -6.68 38.50
O3 NGA K . -20.58 -5.76 34.64
O4 NGA K . -23.36 -5.60 33.78
O5 NGA K . -24.25 -5.54 36.56
O6 NGA K . -26.29 -3.95 36.16
O7 NGA K . -20.89 -8.63 34.99
CA CA L . -15.84 -2.58 33.59
MN MN M . -11.91 -1.87 32.93
C1 NGA N . 14.93 35.15 22.14
C2 NGA N . 14.07 34.43 21.12
C3 NGA N . 13.54 33.16 21.75
C4 NGA N . 14.75 32.35 22.24
C5 NGA N . 15.61 33.15 23.25
C6 NGA N . 16.89 32.47 23.73
C7 NGA N . 12.61 35.48 19.44
C8 NGA N . 11.57 36.55 19.26
N2 NGA N . 13.01 35.29 20.69
O1 NGA N . 15.59 36.13 21.35
O3 NGA N . 12.72 32.47 20.81
O4 NGA N . 15.53 31.96 21.11
O5 NGA N . 16.00 34.36 22.65
O6 NGA N . 17.73 33.39 24.44
O7 NGA N . 13.06 34.87 18.49
CA CA O . 8.30 29.18 21.49
MN MN P . 4.41 27.88 20.83
C1 NGA Q . 10.81 11.36 -41.31
C2 NGA Q . 11.01 11.11 -39.82
C3 NGA Q . 10.07 9.98 -39.46
C4 NGA Q . 8.63 10.36 -39.79
C5 NGA Q . 8.48 10.82 -41.26
C6 NGA Q . 7.11 11.43 -41.58
C7 NGA Q . 13.10 11.29 -38.51
C8 NGA Q . 14.58 11.00 -38.48
N2 NGA Q . 12.41 10.79 -39.54
O1 NGA Q . 11.74 12.36 -41.68
O3 NGA Q . 10.24 9.72 -38.08
O4 NGA Q . 8.25 11.42 -38.88
O5 NGA Q . 9.48 11.81 -41.56
O6 NGA Q . 6.55 10.84 -42.76
O7 NGA Q . 12.60 11.98 -37.64
CA CA R . 10.50 4.67 -35.41
MN MN S . 11.97 1.57 -32.83
#